data_9B4E
#
_entry.id   9B4E
#
_cell.length_a   1.00
_cell.length_b   1.00
_cell.length_c   1.00
_cell.angle_alpha   90.00
_cell.angle_beta   90.00
_cell.angle_gamma   90.00
#
_symmetry.space_group_name_H-M   'P 1'
#
loop_
_entity.id
_entity.type
_entity.pdbx_description
1 polymer 'Phosphatidylserine synthase 1'
2 non-polymer O-[(R)-{[(2R)-2,3-bis(octadecanoyloxy)propyl]oxy}(hydroxy)phosphoryl]-L-serine
3 non-polymer 1-palmitoyl-2-oleoyl-sn-glycero-3-phosphocholine
4 non-polymer '(2R)-3-{[(S)-hydroxy{[(1R,2R,3R,4R,5R,6S)-2,3,4,5,6-pentahydroxycyclohexyl]oxy}phosphoryl]oxy}propane-1,2-diyl dihexadecanoate'
5 non-polymer '[(2~{R})-1-[2-azanylethoxy(oxidanyl)phosphoryl]oxy-3-hexadecanoyloxy-propan-2-yl] (~{Z})-octadec-9-enoate'
6 non-polymer 'CALCIUM ION'
7 water water
#
_entity_poly.entity_id   1
_entity_poly.type   'polypeptide(L)'
_entity_poly.pdbx_seq_one_letter_code
;MASCVGSRTLSKDDVNYKMHFRMINEQQVEDITIDFFYRPHTITLLSFTIVSLMYFAFTRDDSVPEDNIWRGILSVIFFF
LIISVLAFPNGPFTRPHPALWRMVFGLSVLYFLFLVFLLFLNFEQVKSLMYWLDPNLRYATREADVMEYAVNCHVITWER
IISHFDIFAFGHFWGWAMKALLIRSYGLCWTISITWELTELFFMHLLPNFAECWWDQVILDILLCNGGGIWLGMVVCRFL
EMRTYHWASFKDIHTTTGKIKRAVLQFTPASWTYVRWFDPKSSFQRVAGVYLFMIIWQLTELNTFFLKHIFVFQASHPLS
WGRILFIGGITAPTVRQYYAYLTDTQCKRVGTQCWVFGVIGFLEAIVCIKFGQDLFSKTQILYVVLWLLCVAFTTFLCLY
GMIWYAEHY
;
_entity_poly.pdbx_strand_id   A,B
#
# COMPACT_ATOMS: atom_id res chain seq x y z
N LYS A 12 1.45 1.41 -32.66
CA LYS A 12 0.77 1.48 -31.37
C LYS A 12 0.83 0.15 -30.63
N ASP A 13 1.97 -0.53 -30.73
CA ASP A 13 2.16 -1.77 -29.98
C ASP A 13 2.23 -1.52 -28.47
N ASP A 14 2.45 -0.29 -28.04
CA ASP A 14 2.44 0.01 -26.61
C ASP A 14 1.05 -0.19 -26.03
N VAL A 15 0.02 0.03 -26.84
CA VAL A 15 -1.35 -0.29 -26.41
C VAL A 15 -1.46 -1.77 -26.09
N ASN A 16 -0.97 -2.63 -26.98
CA ASN A 16 -1.02 -4.07 -26.74
C ASN A 16 -0.16 -4.45 -25.54
N TYR A 17 0.99 -3.78 -25.37
CA TYR A 17 1.86 -4.09 -24.24
C TYR A 17 1.16 -3.78 -22.91
N LYS A 18 0.57 -2.59 -22.80
CA LYS A 18 -0.06 -2.22 -21.53
C LYS A 18 -1.35 -2.99 -21.31
N MET A 19 -2.05 -3.38 -22.38
CA MET A 19 -3.23 -4.20 -22.20
C MET A 19 -2.84 -5.62 -21.77
N HIS A 20 -1.71 -6.13 -22.25
CA HIS A 20 -1.26 -7.44 -21.77
C HIS A 20 -0.78 -7.37 -20.33
N PHE A 21 -0.16 -6.25 -19.95
CA PHE A 21 0.20 -6.08 -18.55
C PHE A 21 -1.04 -6.00 -17.67
N ARG A 22 -2.10 -5.35 -18.15
CA ARG A 22 -3.32 -5.30 -17.34
C ARG A 22 -4.03 -6.64 -17.35
N MET A 23 -3.82 -7.46 -18.40
CA MET A 23 -4.37 -8.80 -18.40
C MET A 23 -3.69 -9.67 -17.35
N ILE A 24 -2.38 -9.53 -17.18
CA ILE A 24 -1.68 -10.37 -16.21
C ILE A 24 -1.60 -9.76 -14.82
N ASN A 25 -1.87 -8.47 -14.68
CA ASN A 25 -1.72 -7.77 -13.41
C ASN A 25 -3.04 -7.43 -12.74
N GLU A 26 -4.03 -6.97 -13.49
CA GLU A 26 -5.37 -6.71 -12.97
C GLU A 26 -6.38 -7.35 -13.92
N GLN A 27 -6.64 -8.65 -13.72
CA GLN A 27 -7.59 -9.34 -14.58
C GLN A 27 -9.00 -8.83 -14.31
N GLN A 28 -9.81 -8.80 -15.36
CA GLN A 28 -11.17 -8.27 -15.29
C GLN A 28 -12.17 -9.42 -15.18
N VAL A 29 -13.20 -9.20 -14.37
CA VAL A 29 -14.28 -10.18 -14.26
C VAL A 29 -15.13 -10.12 -15.52
N GLU A 30 -15.33 -11.27 -16.16
CA GLU A 30 -16.05 -11.35 -17.41
C GLU A 30 -17.42 -11.97 -17.20
N ASP A 31 -18.41 -11.46 -17.93
CA ASP A 31 -19.78 -11.95 -17.86
C ASP A 31 -20.34 -11.86 -16.44
N ILE A 32 -20.43 -10.62 -15.95
CA ILE A 32 -21.01 -10.35 -14.64
C ILE A 32 -22.52 -10.42 -14.76
N THR A 33 -23.13 -11.30 -13.97
CA THR A 33 -24.59 -11.41 -13.94
C THR A 33 -25.19 -10.92 -12.63
N ILE A 34 -24.58 -11.27 -11.50
CA ILE A 34 -25.00 -10.74 -10.20
C ILE A 34 -24.13 -9.53 -9.92
N ASP A 35 -24.66 -8.35 -10.22
CA ASP A 35 -23.84 -7.14 -10.27
C ASP A 35 -23.53 -6.55 -8.91
N PHE A 36 -24.19 -7.00 -7.84
CA PHE A 36 -23.92 -6.36 -6.56
C PHE A 36 -22.68 -6.89 -5.87
N PHE A 37 -22.03 -7.93 -6.41
CA PHE A 37 -20.74 -8.35 -5.92
C PHE A 37 -19.60 -7.54 -6.50
N TYR A 38 -19.87 -6.68 -7.47
CA TYR A 38 -18.82 -6.00 -8.21
C TYR A 38 -19.02 -4.50 -8.35
N ARG A 39 -20.10 -3.95 -7.83
CA ARG A 39 -20.29 -2.51 -7.83
C ARG A 39 -19.61 -1.90 -6.61
N PRO A 40 -18.74 -0.90 -6.77
CA PRO A 40 -18.06 -0.33 -5.61
C PRO A 40 -18.97 0.55 -4.77
N HIS A 41 -18.71 0.54 -3.47
CA HIS A 41 -19.46 1.30 -2.47
C HIS A 41 -18.49 1.98 -1.51
N THR A 42 -17.51 2.70 -2.06
CA THR A 42 -16.39 3.17 -1.25
C THR A 42 -16.78 4.26 -0.26
N ILE A 43 -17.90 4.94 -0.47
CA ILE A 43 -18.34 5.91 0.53
C ILE A 43 -19.01 5.20 1.70
N THR A 44 -19.62 4.06 1.41
CA THR A 44 -20.22 3.24 2.44
C THR A 44 -19.06 2.69 3.28
N LEU A 45 -17.97 2.31 2.60
CA LEU A 45 -16.78 1.82 3.28
C LEU A 45 -16.12 2.91 4.10
N LEU A 46 -16.15 4.15 3.61
CA LEU A 46 -15.60 5.27 4.37
C LEU A 46 -16.40 5.51 5.64
N SER A 47 -17.72 5.51 5.53
CA SER A 47 -18.57 5.68 6.71
C SER A 47 -18.36 4.55 7.70
N PHE A 48 -18.28 3.31 7.21
CA PHE A 48 -18.00 2.19 8.10
C PHE A 48 -16.67 2.35 8.81
N THR A 49 -15.62 2.70 8.06
CA THR A 49 -14.31 2.92 8.66
C THR A 49 -14.37 3.95 9.78
N ILE A 50 -14.95 5.11 9.49
CA ILE A 50 -14.96 6.20 10.46
C ILE A 50 -15.80 5.83 11.67
N VAL A 51 -16.94 5.16 11.47
CA VAL A 51 -17.82 4.85 12.58
C VAL A 51 -17.22 3.76 13.46
N SER A 52 -16.57 2.77 12.85
CA SER A 52 -15.94 1.71 13.64
C SER A 52 -14.76 2.26 14.44
N LEU A 53 -13.90 3.06 13.80
CA LEU A 53 -12.79 3.66 14.54
C LEU A 53 -13.27 4.63 15.62
N MET A 54 -14.36 5.35 15.39
CA MET A 54 -14.97 6.20 16.40
C MET A 54 -15.49 5.41 17.59
N TYR A 55 -16.21 4.31 17.33
CA TYR A 55 -16.70 3.46 18.40
C TYR A 55 -15.54 2.88 19.21
N PHE A 56 -14.46 2.48 18.55
CA PHE A 56 -13.33 1.93 19.28
C PHE A 56 -12.60 3.00 20.07
N ALA A 57 -12.40 4.18 19.48
CA ALA A 57 -11.71 5.24 20.18
C ALA A 57 -12.47 5.70 21.42
N PHE A 58 -13.80 5.75 21.35
CA PHE A 58 -14.58 6.37 22.41
C PHE A 58 -15.12 5.38 23.43
N THR A 59 -14.91 4.08 23.26
CA THR A 59 -15.43 3.09 24.19
C THR A 59 -14.38 2.16 24.76
N ARG A 60 -13.28 1.92 24.05
CA ARG A 60 -12.29 0.96 24.52
C ARG A 60 -11.61 1.45 25.78
N ASP A 61 -11.01 0.52 26.51
CA ASP A 61 -10.28 0.80 27.72
C ASP A 61 -8.79 0.80 27.41
N ASP A 62 -8.17 1.98 27.45
CA ASP A 62 -6.77 2.15 27.09
C ASP A 62 -5.86 2.22 28.31
N SER A 63 -6.19 1.45 29.36
CA SER A 63 -5.40 1.50 30.58
C SER A 63 -4.19 0.59 30.51
N VAL A 64 -4.33 -0.57 29.88
CA VAL A 64 -3.24 -1.53 29.76
C VAL A 64 -2.38 -1.15 28.56
N PRO A 65 -1.11 -0.79 28.76
CA PRO A 65 -0.31 -0.24 27.66
C PRO A 65 0.19 -1.25 26.65
N GLU A 66 0.23 -2.54 26.97
CA GLU A 66 0.72 -3.54 26.04
C GLU A 66 -0.41 -4.15 25.20
N ASP A 67 -1.65 -3.93 25.59
CA ASP A 67 -2.81 -4.29 24.78
C ASP A 67 -3.12 -3.23 23.73
N ASN A 68 -2.83 -1.97 24.05
CA ASN A 68 -2.99 -0.90 23.07
C ASN A 68 -2.13 -1.14 21.85
N ILE A 69 -0.90 -1.60 22.04
CA ILE A 69 0.01 -1.83 20.93
C ILE A 69 -0.49 -2.99 20.08
N TRP A 70 -0.94 -4.07 20.71
CA TRP A 70 -1.44 -5.22 19.97
C TRP A 70 -2.68 -4.87 19.17
N ARG A 71 -3.65 -4.18 19.80
CA ARG A 71 -4.85 -3.79 19.09
C ARG A 71 -4.55 -2.80 17.97
N GLY A 72 -3.61 -1.88 18.20
CA GLY A 72 -3.25 -0.94 17.14
C GLY A 72 -2.59 -1.62 15.97
N ILE A 73 -1.76 -2.64 16.23
CA ILE A 73 -1.14 -3.39 15.16
C ILE A 73 -2.20 -4.14 14.35
N LEU A 74 -3.13 -4.80 15.04
CA LEU A 74 -4.18 -5.54 14.35
C LEU A 74 -5.06 -4.60 13.53
N SER A 75 -5.33 -3.41 14.04
CA SER A 75 -6.17 -2.46 13.30
C SER A 75 -5.43 -1.88 12.11
N VAL A 76 -4.13 -1.63 12.25
CA VAL A 76 -3.34 -1.18 11.10
C VAL A 76 -3.35 -2.24 10.02
N ILE A 77 -3.26 -3.51 10.40
CA ILE A 77 -3.31 -4.59 9.41
C ILE A 77 -4.67 -4.62 8.73
N PHE A 78 -5.75 -4.52 9.51
CA PHE A 78 -7.10 -4.57 8.93
C PHE A 78 -7.33 -3.42 7.96
N PHE A 79 -6.97 -2.19 8.35
CA PHE A 79 -7.25 -1.07 7.47
C PHE A 79 -6.25 -0.99 6.32
N PHE A 80 -5.09 -1.62 6.45
CA PHE A 80 -4.23 -1.78 5.28
C PHE A 80 -4.83 -2.78 4.31
N LEU A 81 -5.53 -3.79 4.80
CA LEU A 81 -6.23 -4.69 3.89
C LEU A 81 -7.39 -3.98 3.20
N ILE A 82 -8.04 -3.05 3.91
CA ILE A 82 -9.07 -2.23 3.27
C ILE A 82 -8.46 -1.37 2.17
N ILE A 83 -7.33 -0.72 2.46
CA ILE A 83 -6.63 0.07 1.45
C ILE A 83 -6.20 -0.81 0.29
N SER A 84 -5.85 -2.06 0.56
CA SER A 84 -5.51 -3.01 -0.49
C SER A 84 -6.70 -3.26 -1.41
N VAL A 85 -7.85 -3.57 -0.83
CA VAL A 85 -9.07 -3.75 -1.61
C VAL A 85 -9.35 -2.54 -2.46
N LEU A 86 -9.07 -1.34 -1.93
CA LEU A 86 -9.38 -0.13 -2.68
C LEU A 86 -8.38 0.13 -3.81
N ALA A 87 -7.09 -0.10 -3.57
CA ALA A 87 -6.05 0.44 -4.43
C ALA A 87 -5.05 -0.55 -4.98
N PHE A 88 -4.95 -1.75 -4.44
CA PHE A 88 -3.86 -2.61 -4.86
C PHE A 88 -4.25 -3.48 -6.05
N PRO A 89 -3.27 -3.94 -6.84
CA PRO A 89 -3.58 -4.74 -8.02
C PRO A 89 -4.20 -6.08 -7.66
N ASN A 90 -4.83 -6.69 -8.67
CA ASN A 90 -5.66 -7.86 -8.45
C ASN A 90 -4.92 -9.16 -8.78
N GLY A 91 -4.06 -9.14 -9.80
CA GLY A 91 -3.33 -10.33 -10.18
C GLY A 91 -3.95 -11.00 -11.39
N PRO A 92 -3.48 -12.21 -11.71
CA PRO A 92 -4.04 -12.94 -12.84
C PRO A 92 -5.37 -13.62 -12.55
N PHE A 93 -5.88 -13.50 -11.33
CA PHE A 93 -7.02 -14.26 -10.86
C PHE A 93 -8.19 -13.32 -10.56
N THR A 94 -9.40 -13.79 -10.87
CA THR A 94 -10.63 -13.09 -10.53
C THR A 94 -11.59 -13.98 -9.78
N ARG A 95 -11.09 -15.12 -9.32
CA ARG A 95 -11.92 -16.12 -8.68
C ARG A 95 -11.40 -16.42 -7.27
N PRO A 96 -12.20 -16.57 -6.13
CA PRO A 96 -13.65 -16.36 -6.13
C PRO A 96 -14.06 -14.89 -6.19
N HIS A 97 -13.14 -13.99 -5.84
CA HIS A 97 -13.37 -12.56 -5.95
C HIS A 97 -12.03 -11.86 -6.04
N PRO A 98 -11.89 -10.85 -6.91
CA PRO A 98 -10.61 -10.15 -7.02
C PRO A 98 -10.17 -9.45 -5.74
N ALA A 99 -11.10 -9.14 -4.84
CA ALA A 99 -10.74 -8.44 -3.62
C ALA A 99 -9.93 -9.33 -2.69
N LEU A 100 -10.19 -10.64 -2.72
CA LEU A 100 -9.39 -11.55 -1.92
C LEU A 100 -7.93 -11.55 -2.37
N TRP A 101 -7.71 -11.43 -3.67
CA TRP A 101 -6.34 -11.42 -4.17
C TRP A 101 -5.68 -10.06 -3.97
N ARG A 102 -6.47 -8.98 -3.98
CA ARG A 102 -5.93 -7.69 -3.55
C ARG A 102 -5.48 -7.73 -2.11
N MET A 103 -6.24 -8.41 -1.25
CA MET A 103 -5.86 -8.51 0.16
C MET A 103 -4.65 -9.42 0.35
N VAL A 104 -4.54 -10.48 -0.45
CA VAL A 104 -3.35 -11.31 -0.41
C VAL A 104 -2.12 -10.51 -0.84
N PHE A 105 -2.26 -9.66 -1.86
CA PHE A 105 -1.17 -8.78 -2.25
C PHE A 105 -0.80 -7.81 -1.13
N GLY A 106 -1.80 -7.27 -0.44
CA GLY A 106 -1.52 -6.37 0.68
C GLY A 106 -0.78 -7.06 1.80
N LEU A 107 -1.16 -8.29 2.12
CA LEU A 107 -0.43 -9.06 3.13
C LEU A 107 1.01 -9.31 2.68
N SER A 108 1.22 -9.58 1.39
CA SER A 108 2.58 -9.79 0.91
C SER A 108 3.42 -8.52 1.04
N VAL A 109 2.80 -7.36 0.78
CA VAL A 109 3.51 -6.09 0.96
C VAL A 109 3.85 -5.87 2.42
N LEU A 110 2.93 -6.20 3.32
CA LEU A 110 3.21 -6.08 4.75
C LEU A 110 4.38 -6.97 5.16
N TYR A 111 4.42 -8.20 4.66
CA TYR A 111 5.51 -9.11 4.99
C TYR A 111 6.84 -8.61 4.43
N PHE A 112 6.82 -8.07 3.21
CA PHE A 112 8.03 -7.48 2.63
C PHE A 112 8.55 -6.34 3.49
N LEU A 113 7.67 -5.45 3.95
CA LEU A 113 8.11 -4.33 4.77
C LEU A 113 8.58 -4.79 6.14
N PHE A 114 7.97 -5.85 6.67
CA PHE A 114 8.43 -6.42 7.92
C PHE A 114 9.85 -6.96 7.78
N LEU A 115 10.17 -7.62 6.67
CA LEU A 115 11.52 -8.10 6.45
C LEU A 115 12.50 -6.94 6.27
N VAL A 116 12.08 -5.90 5.56
CA VAL A 116 12.91 -4.70 5.42
C VAL A 116 13.27 -4.15 6.79
N PHE A 117 12.27 -3.99 7.66
CA PHE A 117 12.53 -3.53 9.03
C PHE A 117 13.44 -4.48 9.79
N LEU A 118 13.19 -5.79 9.70
CA LEU A 118 14.00 -6.79 10.40
C LEU A 118 15.46 -6.73 10.01
N LEU A 119 15.76 -6.35 8.77
CA LEU A 119 17.15 -6.31 8.32
C LEU A 119 17.98 -5.25 9.03
N PHE A 120 17.39 -4.42 9.89
CA PHE A 120 18.12 -3.34 10.54
C PHE A 120 18.30 -3.54 12.03
N LEU A 121 17.58 -4.46 12.65
CA LEU A 121 17.76 -4.75 14.06
C LEU A 121 18.95 -5.69 14.25
N ASN A 122 19.32 -5.92 15.50
CA ASN A 122 20.31 -6.95 15.79
C ASN A 122 19.59 -8.21 16.27
N PHE A 123 20.37 -9.23 16.63
CA PHE A 123 19.76 -10.52 16.93
C PHE A 123 18.97 -10.47 18.24
N GLU A 124 19.46 -9.72 19.21
CA GLU A 124 18.73 -9.61 20.48
C GLU A 124 17.42 -8.87 20.31
N GLN A 125 17.38 -7.87 19.44
CA GLN A 125 16.14 -7.16 19.19
C GLN A 125 15.14 -8.04 18.46
N VAL A 126 15.61 -8.90 17.57
CA VAL A 126 14.70 -9.81 16.88
C VAL A 126 14.17 -10.88 17.83
N LYS A 127 15.04 -11.37 18.73
CA LYS A 127 14.55 -12.34 19.71
C LYS A 127 13.58 -11.70 20.69
N SER A 128 13.78 -10.43 21.04
CA SER A 128 12.82 -9.74 21.90
C SER A 128 11.50 -9.53 21.19
N LEU A 129 11.55 -9.12 19.93
CA LEU A 129 10.35 -8.99 19.10
C LEU A 129 9.62 -10.31 18.95
N MET A 130 10.32 -11.43 18.97
CA MET A 130 9.67 -12.74 18.93
C MET A 130 9.09 -13.15 20.27
N TYR A 131 9.83 -13.00 21.37
CA TYR A 131 9.30 -13.30 22.68
C TYR A 131 8.11 -12.40 23.04
N TRP A 132 7.99 -11.24 22.41
CA TRP A 132 6.79 -10.42 22.61
C TRP A 132 5.58 -11.09 21.98
N LEU A 133 5.75 -11.72 20.82
CA LEU A 133 4.64 -12.38 20.15
C LEU A 133 4.20 -13.63 20.89
N ASP A 134 5.14 -14.55 21.13
CA ASP A 134 4.86 -15.78 21.86
C ASP A 134 5.86 -15.89 23.00
N PRO A 135 5.48 -15.53 24.22
CA PRO A 135 6.40 -15.61 25.35
C PRO A 135 6.95 -17.00 25.60
N ASN A 136 6.27 -18.04 25.15
CA ASN A 136 6.75 -19.41 25.36
C ASN A 136 7.96 -19.74 24.52
N LEU A 137 8.31 -18.91 23.53
CA LEU A 137 9.47 -19.17 22.69
C LEU A 137 10.80 -18.95 23.42
N ARG A 138 10.77 -18.55 24.69
CA ARG A 138 12.01 -18.33 25.43
C ARG A 138 12.67 -19.67 25.79
N TYR A 139 11.86 -20.69 26.03
CA TYR A 139 12.36 -21.97 26.52
C TYR A 139 12.41 -23.04 25.44
N ALA A 140 12.02 -22.72 24.21
CA ALA A 140 12.14 -23.67 23.11
C ALA A 140 13.61 -23.84 22.73
N THR A 141 14.05 -25.09 22.63
CA THR A 141 15.43 -25.40 22.32
C THR A 141 15.49 -26.31 21.10
N ARG A 142 16.64 -26.27 20.42
CA ARG A 142 16.85 -27.08 19.22
C ARG A 142 16.85 -28.56 19.56
N ASN A 152 15.85 -43.69 15.66
CA ASN A 152 16.50 -44.97 15.42
C ASN A 152 15.74 -45.77 14.37
N CYS A 153 16.38 -46.00 13.23
CA CYS A 153 15.83 -46.86 12.19
C CYS A 153 16.67 -48.11 11.99
N HIS A 154 17.29 -48.61 13.06
CA HIS A 154 17.87 -49.94 13.09
C HIS A 154 16.90 -50.99 13.63
N VAL A 155 15.77 -50.55 14.16
CA VAL A 155 14.71 -51.40 14.69
C VAL A 155 13.44 -51.30 13.84
N ILE A 156 13.60 -51.33 12.52
CA ILE A 156 12.53 -51.04 11.57
C ILE A 156 11.20 -51.68 11.96
N THR A 157 10.14 -50.91 11.80
CA THR A 157 8.79 -51.36 12.12
C THR A 157 7.80 -50.67 11.19
N TRP A 158 6.83 -51.44 10.70
CA TRP A 158 5.80 -50.89 9.83
C TRP A 158 4.94 -49.87 10.57
N GLU A 159 4.70 -50.10 11.86
CA GLU A 159 3.90 -49.17 12.64
C GLU A 159 4.59 -47.81 12.76
N ARG A 160 5.87 -47.81 13.09
CA ARG A 160 6.62 -46.56 13.17
C ARG A 160 6.77 -45.89 11.81
N ILE A 161 6.78 -46.67 10.72
CA ILE A 161 6.84 -46.08 9.39
C ILE A 161 5.52 -45.39 9.04
N ILE A 162 4.40 -46.05 9.31
CA ILE A 162 3.10 -45.46 9.05
C ILE A 162 2.75 -44.33 10.01
N SER A 163 3.39 -44.28 11.18
CA SER A 163 3.11 -43.21 12.14
C SER A 163 3.74 -41.88 11.74
N HIS A 164 4.46 -41.83 10.62
CA HIS A 164 5.08 -40.61 10.14
C HIS A 164 4.09 -39.66 9.48
N PHE A 165 2.95 -40.16 9.02
CA PHE A 165 1.99 -39.35 8.27
C PHE A 165 1.13 -38.56 9.25
N ASP A 166 1.70 -37.47 9.75
CA ASP A 166 1.00 -36.56 10.64
C ASP A 166 0.26 -35.51 9.81
N ILE A 167 -0.24 -34.46 10.48
CA ILE A 167 -0.97 -33.41 9.77
C ILE A 167 -0.03 -32.63 8.85
N PHE A 168 1.27 -32.61 9.17
CA PHE A 168 2.20 -31.86 8.33
C PHE A 168 2.55 -32.61 7.06
N ALA A 169 2.58 -33.95 7.11
CA ALA A 169 2.73 -34.71 5.87
C ALA A 169 1.52 -34.50 4.96
N PHE A 170 0.34 -34.40 5.56
CA PHE A 170 -0.88 -34.06 4.83
C PHE A 170 -0.73 -32.70 4.14
N GLY A 171 -0.30 -31.69 4.90
CA GLY A 171 -0.10 -30.38 4.32
C GLY A 171 0.96 -30.37 3.24
N HIS A 172 2.00 -31.18 3.39
CA HIS A 172 3.05 -31.25 2.39
C HIS A 172 2.55 -31.91 1.10
N PHE A 173 1.79 -32.99 1.25
CA PHE A 173 1.11 -33.60 0.10
C PHE A 173 0.29 -32.57 -0.66
N TRP A 174 -0.50 -31.77 0.05
CA TRP A 174 -1.36 -30.83 -0.65
C TRP A 174 -0.59 -29.64 -1.21
N GLY A 175 0.50 -29.24 -0.57
CA GLY A 175 1.34 -28.21 -1.14
C GLY A 175 1.99 -28.65 -2.43
N TRP A 176 2.46 -29.90 -2.49
CA TRP A 176 3.00 -30.40 -3.73
C TRP A 176 1.91 -30.61 -4.78
N ALA A 177 0.69 -30.93 -4.36
CA ALA A 177 -0.41 -31.00 -5.30
C ALA A 177 -0.67 -29.65 -5.96
N MET A 178 -0.69 -28.59 -5.15
CA MET A 178 -0.88 -27.24 -5.71
C MET A 178 0.28 -26.85 -6.63
N LYS A 179 1.51 -27.15 -6.21
CA LYS A 179 2.67 -26.84 -7.05
C LYS A 179 2.59 -27.56 -8.38
N ALA A 180 2.26 -28.85 -8.39
CA ALA A 180 2.17 -29.58 -9.63
C ALA A 180 1.02 -29.08 -10.49
N LEU A 181 -0.09 -28.67 -9.86
CA LEU A 181 -1.20 -28.10 -10.60
C LEU A 181 -0.78 -26.84 -11.34
N LEU A 182 0.00 -25.98 -10.67
CA LEU A 182 0.38 -24.71 -11.28
C LEU A 182 1.50 -24.87 -12.31
N ILE A 183 2.46 -25.75 -12.03
CA ILE A 183 3.65 -25.84 -12.87
C ILE A 183 3.37 -26.64 -14.14
N ARG A 184 2.60 -27.71 -14.04
CA ARG A 184 2.28 -28.56 -15.20
C ARG A 184 3.55 -29.13 -15.82
N SER A 185 4.30 -29.87 -15.01
CA SER A 185 5.51 -30.53 -15.47
C SER A 185 5.93 -31.57 -14.46
N TYR A 186 6.12 -32.81 -14.92
CA TYR A 186 6.69 -33.83 -14.04
C TYR A 186 8.18 -33.59 -13.83
N GLY A 187 8.86 -33.09 -14.85
CA GLY A 187 10.30 -32.94 -14.78
C GLY A 187 10.72 -31.90 -13.76
N LEU A 188 10.18 -30.69 -13.86
CA LEU A 188 10.54 -29.63 -12.92
C LEU A 188 10.18 -30.02 -11.50
N CYS A 189 8.97 -30.55 -11.31
CA CYS A 189 8.52 -30.90 -9.97
C CYS A 189 9.37 -32.00 -9.36
N TRP A 190 9.67 -33.05 -10.12
CA TRP A 190 10.49 -34.13 -9.57
C TRP A 190 11.93 -33.69 -9.36
N THR A 191 12.46 -32.85 -10.25
CA THR A 191 13.81 -32.31 -10.05
C THR A 191 13.89 -31.55 -8.74
N ILE A 192 12.98 -30.61 -8.52
CA ILE A 192 13.02 -29.81 -7.29
C ILE A 192 12.78 -30.69 -6.08
N SER A 193 11.85 -31.65 -6.20
CA SER A 193 11.57 -32.54 -5.08
C SER A 193 12.82 -33.30 -4.66
N ILE A 194 13.47 -33.98 -5.60
CA ILE A 194 14.62 -34.81 -5.24
C ILE A 194 15.78 -33.95 -4.77
N THR A 195 16.06 -32.84 -5.47
CA THR A 195 17.19 -32.02 -5.08
C THR A 195 16.99 -31.41 -3.70
N TRP A 196 15.77 -30.96 -3.38
CA TRP A 196 15.56 -30.38 -2.07
C TRP A 196 15.57 -31.43 -0.98
N GLU A 197 15.03 -32.62 -1.23
CA GLU A 197 15.05 -33.64 -0.19
C GLU A 197 16.49 -34.09 0.09
N LEU A 198 17.31 -34.20 -0.95
CA LEU A 198 18.71 -34.54 -0.74
C LEU A 198 19.45 -33.41 -0.02
N THR A 199 19.16 -32.16 -0.37
CA THR A 199 19.78 -31.04 0.32
C THR A 199 19.40 -31.02 1.79
N GLU A 200 18.13 -31.30 2.10
CA GLU A 200 17.68 -31.31 3.49
C GLU A 200 18.32 -32.46 4.26
N LEU A 201 18.48 -33.62 3.62
CA LEU A 201 19.18 -34.72 4.26
C LEU A 201 20.64 -34.36 4.55
N PHE A 202 21.29 -33.69 3.60
CA PHE A 202 22.66 -33.23 3.82
C PHE A 202 22.74 -32.25 4.99
N PHE A 203 21.82 -31.28 5.04
CA PHE A 203 21.84 -30.30 6.12
C PHE A 203 21.53 -30.94 7.46
N MET A 204 20.66 -31.94 7.48
CA MET A 204 20.37 -32.63 8.74
C MET A 204 21.52 -33.54 9.15
N HIS A 205 22.40 -33.89 8.21
CA HIS A 205 23.65 -34.54 8.61
C HIS A 205 24.63 -33.53 9.17
N LEU A 206 24.65 -32.31 8.61
CA LEU A 206 25.57 -31.29 9.09
C LEU A 206 25.15 -30.74 10.44
N LEU A 207 23.85 -30.79 10.74
CA LEU A 207 23.30 -30.26 11.98
C LEU A 207 22.71 -31.40 12.79
N PRO A 208 23.12 -31.61 14.03
CA PRO A 208 22.63 -32.77 14.80
C PRO A 208 21.14 -32.75 15.10
N ASN A 209 20.42 -31.73 14.62
CA ASN A 209 19.00 -31.61 14.90
C ASN A 209 18.17 -32.77 14.36
N PHE A 210 18.74 -33.58 13.45
CA PHE A 210 17.99 -34.68 12.87
C PHE A 210 17.54 -35.66 13.93
N ALA A 211 16.31 -36.16 13.78
CA ALA A 211 15.80 -37.20 14.65
C ALA A 211 15.03 -38.31 13.96
N GLU A 212 14.58 -38.12 12.71
CA GLU A 212 13.63 -39.07 12.14
C GLU A 212 14.33 -40.29 11.56
N CYS A 213 14.98 -40.13 10.40
CA CYS A 213 15.79 -41.18 9.77
C CYS A 213 16.32 -40.77 8.40
N TRP A 214 17.15 -41.63 7.81
CA TRP A 214 17.46 -41.62 6.39
C TRP A 214 16.21 -41.95 5.58
N TRP A 215 15.56 -43.06 5.95
CA TRP A 215 14.51 -43.64 5.12
C TRP A 215 13.34 -42.69 4.96
N ASP A 216 13.11 -41.80 5.93
CA ASP A 216 12.02 -40.85 5.82
C ASP A 216 12.23 -39.99 4.59
N GLN A 217 13.31 -39.20 4.60
CA GLN A 217 13.61 -38.32 3.48
C GLN A 217 13.86 -39.08 2.19
N VAL A 218 14.26 -40.35 2.25
CA VAL A 218 14.59 -41.05 1.00
C VAL A 218 13.34 -41.64 0.36
N ILE A 219 12.52 -42.35 1.12
CA ILE A 219 11.36 -43.06 0.59
C ILE A 219 10.06 -42.36 0.95
N LEU A 220 9.85 -42.06 2.23
CA LEU A 220 8.54 -41.61 2.69
C LEU A 220 8.29 -40.13 2.42
N ASP A 221 9.24 -39.43 1.83
CA ASP A 221 9.04 -38.03 1.47
C ASP A 221 9.15 -37.81 -0.03
N ILE A 222 10.19 -38.35 -0.67
CA ILE A 222 10.32 -38.22 -2.11
C ILE A 222 9.25 -39.03 -2.82
N LEU A 223 9.13 -40.31 -2.47
CA LEU A 223 8.31 -41.25 -3.23
C LEU A 223 6.83 -41.16 -2.90
N LEU A 224 6.47 -40.92 -1.63
CA LEU A 224 5.07 -41.02 -1.23
C LEU A 224 4.38 -39.66 -1.16
N CYS A 225 4.91 -38.74 -0.35
CA CYS A 225 4.25 -37.46 -0.16
C CYS A 225 4.44 -36.57 -1.37
N ASN A 226 5.70 -36.28 -1.71
CA ASN A 226 5.97 -35.42 -2.85
C ASN A 226 5.52 -36.06 -4.15
N GLY A 227 5.88 -37.34 -4.36
CA GLY A 227 5.51 -38.00 -5.60
C GLY A 227 4.02 -38.13 -5.78
N GLY A 228 3.30 -38.52 -4.72
CA GLY A 228 1.86 -38.64 -4.82
C GLY A 228 1.18 -37.30 -4.99
N GLY A 229 1.67 -36.27 -4.31
CA GLY A 229 1.12 -34.94 -4.51
C GLY A 229 1.32 -34.43 -5.92
N ILE A 230 2.50 -34.70 -6.49
CA ILE A 230 2.76 -34.31 -7.88
C ILE A 230 1.84 -35.06 -8.83
N TRP A 231 1.65 -36.36 -8.60
CA TRP A 231 0.76 -37.15 -9.44
C TRP A 231 -0.66 -36.59 -9.39
N LEU A 232 -1.16 -36.32 -8.18
CA LEU A 232 -2.51 -35.78 -8.05
C LEU A 232 -2.64 -34.42 -8.72
N GLY A 233 -1.64 -33.55 -8.54
CA GLY A 233 -1.69 -32.24 -9.16
C GLY A 233 -1.69 -32.32 -10.67
N MET A 234 -0.91 -33.25 -11.24
CA MET A 234 -0.85 -33.38 -12.68
C MET A 234 -2.16 -33.96 -13.23
N VAL A 235 -2.77 -34.90 -12.50
CA VAL A 235 -4.05 -35.44 -12.94
C VAL A 235 -5.12 -34.36 -12.92
N VAL A 236 -5.18 -33.57 -11.85
CA VAL A 236 -6.17 -32.51 -11.77
C VAL A 236 -5.89 -31.43 -12.81
N CYS A 237 -4.63 -31.20 -13.15
CA CYS A 237 -4.29 -30.22 -14.17
C CYS A 237 -4.75 -30.68 -15.54
N ARG A 238 -4.51 -31.95 -15.88
CA ARG A 238 -4.99 -32.45 -17.16
C ARG A 238 -6.51 -32.41 -17.23
N PHE A 239 -7.19 -32.74 -16.13
CA PHE A 239 -8.63 -32.61 -16.10
C PHE A 239 -9.07 -31.19 -16.36
N LEU A 240 -8.49 -30.21 -15.66
CA LEU A 240 -8.91 -28.82 -15.83
C LEU A 240 -8.57 -28.30 -17.22
N GLU A 241 -7.58 -28.91 -17.88
CA GLU A 241 -7.28 -28.52 -19.25
C GLU A 241 -8.32 -29.05 -20.22
N MET A 242 -8.68 -30.33 -20.10
CA MET A 242 -9.55 -30.96 -21.08
C MET A 242 -11.02 -30.62 -20.91
N ARG A 243 -11.39 -29.77 -19.96
CA ARG A 243 -12.80 -29.54 -19.68
C ARG A 243 -13.30 -28.24 -20.29
N THR A 244 -14.62 -28.18 -20.47
CA THR A 244 -15.29 -27.02 -21.03
C THR A 244 -15.93 -26.21 -19.91
N TYR A 245 -15.67 -24.90 -19.93
CA TYR A 245 -16.11 -23.99 -18.86
C TYR A 245 -17.32 -23.21 -19.34
N HIS A 246 -18.52 -23.77 -19.09
CA HIS A 246 -19.77 -23.08 -19.36
C HIS A 246 -20.39 -22.69 -18.03
N TRP A 247 -20.30 -21.42 -17.68
CA TRP A 247 -20.78 -20.93 -16.40
C TRP A 247 -22.14 -20.30 -16.59
N ALA A 248 -23.16 -20.92 -16.01
CA ALA A 248 -24.49 -20.33 -15.97
C ALA A 248 -24.62 -19.45 -14.75
N SER A 249 -25.50 -18.46 -14.85
CA SER A 249 -25.68 -17.52 -13.75
C SER A 249 -26.42 -18.18 -12.60
N PHE A 250 -26.08 -17.74 -11.38
CA PHE A 250 -26.77 -18.25 -10.20
C PHE A 250 -28.26 -17.89 -10.24
N LYS A 251 -28.60 -16.77 -10.88
CA LYS A 251 -30.00 -16.38 -11.02
C LYS A 251 -30.75 -17.33 -11.94
N ASP A 252 -30.08 -17.81 -12.99
CA ASP A 252 -30.76 -18.61 -14.01
C ASP A 252 -30.96 -20.06 -13.58
N ILE A 253 -30.20 -20.54 -12.61
CA ILE A 253 -30.40 -21.90 -12.11
C ILE A 253 -31.74 -21.96 -11.39
N HIS A 254 -32.53 -22.99 -11.70
CA HIS A 254 -33.86 -23.12 -11.11
C HIS A 254 -33.96 -24.21 -10.05
N THR A 255 -33.02 -25.15 -10.04
CA THR A 255 -32.97 -26.16 -8.98
C THR A 255 -32.13 -25.64 -7.82
N THR A 256 -32.39 -26.17 -6.63
CA THR A 256 -31.55 -25.81 -5.48
C THR A 256 -30.20 -26.49 -5.56
N THR A 257 -30.16 -27.72 -6.09
CA THR A 257 -28.90 -28.43 -6.22
C THR A 257 -27.96 -27.68 -7.16
N GLY A 258 -28.49 -27.20 -8.29
CA GLY A 258 -27.67 -26.45 -9.21
C GLY A 258 -27.18 -25.14 -8.61
N LYS A 259 -28.01 -24.49 -7.79
CA LYS A 259 -27.58 -23.27 -7.12
C LYS A 259 -26.44 -23.55 -6.16
N ILE A 260 -26.54 -24.61 -5.37
CA ILE A 260 -25.46 -24.93 -4.44
C ILE A 260 -24.20 -25.31 -5.19
N LYS A 261 -24.35 -26.05 -6.30
CA LYS A 261 -23.18 -26.43 -7.09
C LYS A 261 -22.51 -25.20 -7.69
N ARG A 262 -23.28 -24.25 -8.21
CA ARG A 262 -22.69 -23.04 -8.76
C ARG A 262 -22.01 -22.22 -7.67
N ALA A 263 -22.63 -22.13 -6.49
CA ALA A 263 -22.03 -21.34 -5.42
C ALA A 263 -20.75 -21.98 -4.91
N VAL A 264 -20.65 -23.31 -4.96
CA VAL A 264 -19.42 -23.94 -4.50
C VAL A 264 -18.37 -23.96 -5.60
N LEU A 265 -18.77 -23.95 -6.87
CA LEU A 265 -17.82 -23.86 -7.96
C LEU A 265 -17.36 -22.44 -8.22
N GLN A 266 -17.98 -21.44 -7.60
CA GLN A 266 -17.42 -20.10 -7.61
C GLN A 266 -16.05 -20.05 -6.94
N PHE A 267 -15.67 -21.10 -6.21
CA PHE A 267 -14.36 -21.17 -5.59
C PHE A 267 -13.39 -22.06 -6.36
N THR A 268 -13.59 -22.22 -7.66
CA THR A 268 -12.75 -22.98 -8.56
C THR A 268 -12.43 -22.12 -9.77
N PRO A 269 -11.38 -22.44 -10.53
CA PRO A 269 -11.00 -21.58 -11.64
C PRO A 269 -12.09 -21.47 -12.70
N ALA A 270 -12.26 -20.26 -13.22
CA ALA A 270 -13.23 -20.03 -14.28
C ALA A 270 -12.74 -20.54 -15.62
N SER A 271 -11.42 -20.47 -15.84
CA SER A 271 -10.79 -21.01 -17.04
C SER A 271 -9.42 -21.50 -16.64
N TRP A 272 -8.78 -22.23 -17.56
CA TRP A 272 -7.47 -22.79 -17.30
C TRP A 272 -6.52 -22.44 -18.43
N THR A 273 -5.30 -22.06 -18.07
CA THR A 273 -4.25 -21.75 -19.03
C THR A 273 -3.51 -23.03 -19.40
N TYR A 274 -3.20 -23.17 -20.69
CA TYR A 274 -2.37 -24.27 -21.15
C TYR A 274 -0.90 -23.88 -20.96
N VAL A 275 -0.19 -24.65 -20.15
CA VAL A 275 1.16 -24.30 -19.71
C VAL A 275 2.15 -25.24 -20.36
N ARG A 276 3.05 -24.68 -21.16
CA ARG A 276 4.20 -25.41 -21.71
C ARG A 276 5.42 -24.53 -21.51
N TRP A 277 6.40 -25.02 -20.74
CA TRP A 277 7.55 -24.20 -20.41
C TRP A 277 8.57 -24.20 -21.53
N PHE A 278 8.83 -25.36 -22.12
CA PHE A 278 9.83 -25.49 -23.19
C PHE A 278 9.13 -25.73 -24.51
N ASP A 279 9.38 -24.85 -25.48
CA ASP A 279 8.96 -25.10 -26.85
C ASP A 279 9.99 -25.98 -27.54
N PRO A 280 9.64 -26.58 -28.68
CA PRO A 280 10.63 -27.40 -29.40
C PRO A 280 11.89 -26.64 -29.78
N LYS A 281 11.74 -25.45 -30.35
CA LYS A 281 12.88 -24.59 -30.68
C LYS A 281 12.82 -23.40 -29.74
N SER A 282 13.42 -23.55 -28.56
CA SER A 282 13.39 -22.54 -27.53
C SER A 282 14.64 -21.66 -27.61
N SER A 283 14.50 -20.44 -27.11
CA SER A 283 15.60 -19.48 -27.13
C SER A 283 16.57 -19.77 -26.01
N PHE A 284 17.52 -18.87 -25.78
CA PHE A 284 18.35 -18.93 -24.58
C PHE A 284 17.75 -18.20 -23.39
N GLN A 285 17.07 -17.07 -23.60
CA GLN A 285 16.40 -16.40 -22.49
C GLN A 285 15.29 -17.27 -21.92
N ARG A 286 14.70 -18.13 -22.74
CA ARG A 286 13.65 -19.03 -22.25
C ARG A 286 14.22 -20.04 -21.25
N VAL A 287 15.28 -20.74 -21.65
CA VAL A 287 15.90 -21.72 -20.75
C VAL A 287 16.50 -21.04 -19.54
N ALA A 288 17.02 -19.82 -19.72
CA ALA A 288 17.59 -19.10 -18.59
C ALA A 288 16.50 -18.66 -17.60
N GLY A 289 15.33 -18.30 -18.11
CA GLY A 289 14.23 -17.94 -17.23
C GLY A 289 13.67 -19.14 -16.49
N VAL A 290 13.65 -20.30 -17.15
CA VAL A 290 13.22 -21.52 -16.45
C VAL A 290 14.23 -21.90 -15.38
N TYR A 291 15.52 -21.75 -15.68
CA TYR A 291 16.55 -22.04 -14.69
C TYR A 291 16.45 -21.10 -13.49
N LEU A 292 16.20 -19.81 -13.74
CA LEU A 292 16.01 -18.88 -12.65
C LEU A 292 14.77 -19.22 -11.84
N PHE A 293 13.71 -19.69 -12.50
CA PHE A 293 12.53 -20.13 -11.78
C PHE A 293 12.85 -21.27 -10.82
N MET A 294 13.58 -22.27 -11.31
CA MET A 294 13.96 -23.40 -10.45
C MET A 294 14.88 -22.96 -9.32
N ILE A 295 15.76 -22.00 -9.59
CA ILE A 295 16.69 -21.54 -8.57
C ILE A 295 15.97 -20.77 -7.47
N ILE A 296 15.01 -19.92 -7.83
CA ILE A 296 14.23 -19.23 -6.82
C ILE A 296 13.36 -20.21 -6.04
N TRP A 297 12.89 -21.26 -6.70
CA TRP A 297 12.17 -22.32 -6.00
C TRP A 297 13.03 -22.97 -4.93
N GLN A 298 14.25 -23.37 -5.29
CA GLN A 298 15.18 -23.93 -4.32
C GLN A 298 15.47 -22.95 -3.19
N LEU A 299 15.60 -21.66 -3.53
CA LEU A 299 15.89 -20.65 -2.52
C LEU A 299 14.74 -20.51 -1.53
N THR A 300 13.51 -20.52 -2.01
CA THR A 300 12.37 -20.43 -1.10
C THR A 300 12.25 -21.69 -0.25
N GLU A 301 12.73 -22.82 -0.77
CA GLU A 301 12.77 -24.01 0.08
C GLU A 301 13.85 -23.91 1.15
N LEU A 302 14.95 -23.25 0.83
CA LEU A 302 16.02 -23.04 1.82
C LEU A 302 15.59 -22.06 2.91
N ASN A 303 14.81 -21.04 2.53
CA ASN A 303 14.40 -20.04 3.50
C ASN A 303 13.62 -20.66 4.65
N THR A 304 12.75 -21.63 4.36
CA THR A 304 11.96 -22.27 5.42
C THR A 304 12.87 -22.99 6.41
N PHE A 305 13.73 -23.87 5.90
CA PHE A 305 14.69 -24.59 6.73
C PHE A 305 15.49 -23.63 7.61
N PHE A 306 16.05 -22.59 7.02
CA PHE A 306 16.96 -21.75 7.78
C PHE A 306 16.24 -20.77 8.70
N LEU A 307 15.05 -20.29 8.36
CA LEU A 307 14.29 -19.51 9.33
C LEU A 307 13.90 -20.37 10.52
N LYS A 308 13.56 -21.63 10.26
CA LYS A 308 13.20 -22.52 11.37
C LYS A 308 14.41 -22.79 12.27
N HIS A 309 15.60 -22.89 11.69
CA HIS A 309 16.76 -23.25 12.51
C HIS A 309 17.44 -22.05 13.14
N ILE A 310 17.35 -20.87 12.53
CA ILE A 310 17.99 -19.68 13.09
C ILE A 310 17.23 -19.21 14.32
N PHE A 311 15.96 -18.84 14.13
CA PHE A 311 15.07 -18.49 15.22
C PHE A 311 14.35 -19.77 15.64
N VAL A 312 14.73 -20.31 16.80
CA VAL A 312 14.31 -21.66 17.15
C VAL A 312 12.81 -21.68 17.44
N PHE A 313 12.03 -22.19 16.49
CA PHE A 313 10.63 -22.49 16.74
C PHE A 313 10.27 -23.78 16.02
N GLN A 314 9.30 -24.50 16.57
CA GLN A 314 8.91 -25.79 16.05
C GLN A 314 8.04 -25.63 14.81
N ALA A 315 7.75 -26.75 14.16
CA ALA A 315 6.89 -26.73 12.99
C ALA A 315 5.43 -26.51 13.36
N SER A 316 5.05 -26.82 14.60
CA SER A 316 3.67 -26.64 15.04
C SER A 316 3.38 -25.20 15.49
N HIS A 317 4.38 -24.34 15.52
CA HIS A 317 4.15 -22.98 15.97
C HIS A 317 3.47 -22.17 14.87
N PRO A 318 2.57 -21.25 15.22
CA PRO A 318 1.88 -20.47 14.18
C PRO A 318 2.82 -19.71 13.27
N LEU A 319 4.04 -19.39 13.69
CA LEU A 319 4.99 -18.76 12.79
C LEU A 319 5.32 -19.67 11.62
N SER A 320 5.71 -20.92 11.92
CA SER A 320 6.11 -21.85 10.87
C SER A 320 4.99 -22.07 9.86
N TRP A 321 3.88 -22.66 10.31
CA TRP A 321 2.84 -23.02 9.36
C TRP A 321 2.08 -21.82 8.84
N GLY A 322 2.08 -20.70 9.58
CA GLY A 322 1.46 -19.50 9.07
C GLY A 322 2.22 -18.92 7.90
N ARG A 323 3.55 -18.83 8.04
CA ARG A 323 4.35 -18.35 6.92
C ARG A 323 4.32 -19.33 5.76
N ILE A 324 4.31 -20.63 6.06
CA ILE A 324 4.27 -21.63 4.99
C ILE A 324 2.92 -21.62 4.27
N LEU A 325 1.84 -21.28 4.96
CA LEU A 325 0.52 -21.18 4.36
C LEU A 325 0.33 -19.89 3.59
N PHE A 326 1.00 -18.83 3.99
CA PHE A 326 0.95 -17.56 3.26
C PHE A 326 1.82 -17.58 2.01
N ILE A 327 2.98 -18.26 2.07
CA ILE A 327 3.86 -18.33 0.92
C ILE A 327 3.20 -19.10 -0.22
N GLY A 328 2.44 -20.15 0.09
CA GLY A 328 1.72 -20.85 -0.98
C GLY A 328 0.59 -20.01 -1.56
N GLY A 329 -0.12 -19.29 -0.70
CA GLY A 329 -1.16 -18.40 -1.17
C GLY A 329 -0.64 -17.36 -2.15
N ILE A 330 0.54 -16.80 -1.87
CA ILE A 330 1.11 -15.86 -2.84
C ILE A 330 1.92 -16.55 -3.93
N THR A 331 2.18 -17.85 -3.79
CA THR A 331 2.82 -18.61 -4.85
C THR A 331 1.86 -18.90 -5.98
N ALA A 332 0.58 -19.09 -5.66
CA ALA A 332 -0.41 -19.37 -6.71
C ALA A 332 -0.43 -18.32 -7.82
N PRO A 333 -0.52 -17.00 -7.54
CA PRO A 333 -0.53 -16.02 -8.65
C PRO A 333 0.83 -15.78 -9.26
N THR A 334 1.87 -15.94 -8.44
CA THR A 334 3.24 -15.67 -8.89
C THR A 334 3.65 -16.60 -10.02
N VAL A 335 3.25 -17.87 -9.94
CA VAL A 335 3.61 -18.81 -11.01
C VAL A 335 2.95 -18.42 -12.32
N ARG A 336 1.68 -18.03 -12.28
CA ARG A 336 0.98 -17.62 -13.49
C ARG A 336 1.60 -16.37 -14.08
N GLN A 337 1.92 -15.38 -13.24
CA GLN A 337 2.50 -14.15 -13.76
C GLN A 337 3.90 -14.37 -14.31
N TYR A 338 4.69 -15.23 -13.66
CA TYR A 338 6.02 -15.55 -14.18
C TYR A 338 5.93 -16.27 -15.51
N TYR A 339 5.02 -17.24 -15.61
CA TYR A 339 4.86 -17.95 -16.87
C TYR A 339 4.44 -17.01 -17.99
N ALA A 340 3.54 -16.07 -17.68
CA ALA A 340 3.12 -15.09 -18.68
C ALA A 340 4.29 -14.22 -19.12
N TYR A 341 5.01 -13.64 -18.18
CA TYR A 341 6.13 -12.78 -18.56
C TYR A 341 7.18 -13.55 -19.32
N LEU A 342 7.44 -14.81 -18.96
CA LEU A 342 8.45 -15.59 -19.65
C LEU A 342 8.03 -15.91 -21.08
N THR A 343 6.83 -16.46 -21.26
CA THR A 343 6.43 -17.02 -22.54
C THR A 343 5.72 -16.02 -23.44
N ASP A 344 4.87 -15.15 -22.89
CA ASP A 344 4.09 -14.23 -23.69
C ASP A 344 4.98 -13.12 -24.20
N THR A 345 5.09 -12.99 -25.53
CA THR A 345 5.98 -12.02 -26.13
C THR A 345 5.52 -10.58 -25.93
N GLN A 346 4.24 -10.37 -25.61
CA GLN A 346 3.68 -9.04 -25.50
C GLN A 346 3.53 -8.58 -24.06
N CYS A 347 3.96 -9.38 -23.08
CA CYS A 347 3.86 -9.00 -21.67
C CYS A 347 5.17 -8.35 -21.26
N LYS A 348 5.31 -7.09 -21.63
CA LYS A 348 6.57 -6.36 -21.48
C LYS A 348 6.84 -5.89 -20.06
N ARG A 349 6.14 -6.41 -19.05
CA ARG A 349 6.38 -5.99 -17.67
C ARG A 349 6.06 -7.13 -16.73
N VAL A 350 6.84 -7.24 -15.65
CA VAL A 350 6.62 -8.27 -14.64
C VAL A 350 5.46 -7.87 -13.74
N GLY A 351 4.58 -8.84 -13.45
CA GLY A 351 3.50 -8.58 -12.53
C GLY A 351 4.01 -8.17 -11.17
N THR A 352 3.17 -7.42 -10.44
CA THR A 352 3.63 -6.86 -9.17
C THR A 352 3.67 -7.92 -8.08
N GLN A 353 2.78 -8.91 -8.14
CA GLN A 353 2.82 -9.99 -7.16
C GLN A 353 4.08 -10.83 -7.34
N CYS A 354 4.50 -11.06 -8.58
CA CYS A 354 5.74 -11.77 -8.83
C CYS A 354 6.94 -10.96 -8.33
N TRP A 355 6.88 -9.65 -8.50
CA TRP A 355 7.93 -8.77 -7.99
C TRP A 355 8.04 -8.88 -6.47
N VAL A 356 6.90 -8.83 -5.78
CA VAL A 356 6.91 -8.90 -4.32
C VAL A 356 7.33 -10.28 -3.85
N PHE A 357 6.93 -11.34 -4.56
CA PHE A 357 7.38 -12.67 -4.21
C PHE A 357 8.90 -12.79 -4.32
N GLY A 358 9.46 -12.25 -5.40
CA GLY A 358 10.91 -12.31 -5.56
C GLY A 358 11.64 -11.52 -4.49
N VAL A 359 11.14 -10.33 -4.16
CA VAL A 359 11.81 -9.53 -3.14
C VAL A 359 11.67 -10.19 -1.78
N ILE A 360 10.56 -10.88 -1.52
CA ILE A 360 10.38 -11.57 -0.25
C ILE A 360 11.34 -12.75 -0.15
N GLY A 361 11.49 -13.51 -1.24
CA GLY A 361 12.43 -14.61 -1.22
C GLY A 361 13.86 -14.15 -0.97
N PHE A 362 14.29 -13.11 -1.69
CA PHE A 362 15.66 -12.66 -1.50
C PHE A 362 15.87 -11.98 -0.15
N LEU A 363 14.85 -11.29 0.37
CA LEU A 363 14.99 -10.67 1.68
C LEU A 363 15.01 -11.71 2.79
N GLU A 364 14.26 -12.81 2.65
CA GLU A 364 14.37 -13.88 3.61
C GLU A 364 15.73 -14.54 3.55
N ALA A 365 16.31 -14.66 2.35
CA ALA A 365 17.67 -15.16 2.25
C ALA A 365 18.66 -14.25 2.96
N ILE A 366 18.53 -12.94 2.76
CA ILE A 366 19.43 -11.99 3.41
C ILE A 366 19.27 -12.03 4.92
N VAL A 367 18.02 -12.16 5.39
CA VAL A 367 17.77 -12.26 6.83
C VAL A 367 18.42 -13.52 7.41
N CYS A 368 18.30 -14.64 6.69
CA CYS A 368 18.92 -15.87 7.18
C CYS A 368 20.43 -15.76 7.20
N ILE A 369 21.02 -15.03 6.25
CA ILE A 369 22.48 -14.88 6.24
C ILE A 369 22.92 -13.94 7.36
N LYS A 370 22.15 -12.89 7.63
CA LYS A 370 22.57 -11.90 8.60
C LYS A 370 22.54 -12.45 10.02
N PHE A 371 21.45 -13.10 10.40
CA PHE A 371 21.29 -13.66 11.74
C PHE A 371 21.72 -15.11 11.82
N GLY A 372 22.26 -15.66 10.74
CA GLY A 372 22.67 -17.05 10.73
C GLY A 372 24.16 -17.25 10.86
N GLN A 373 24.85 -16.22 11.36
CA GLN A 373 26.30 -16.32 11.53
C GLN A 373 26.70 -17.25 12.67
N ASP A 374 25.73 -17.85 13.36
CA ASP A 374 26.00 -18.75 14.47
C ASP A 374 25.79 -20.21 14.12
N LEU A 375 24.99 -20.51 13.09
CA LEU A 375 24.63 -21.89 12.79
C LEU A 375 25.85 -22.74 12.46
N PHE A 376 26.68 -22.27 11.54
CA PHE A 376 27.79 -23.06 11.02
C PHE A 376 29.13 -22.48 11.46
N SER A 377 30.14 -23.34 11.46
CA SER A 377 31.53 -22.93 11.56
C SER A 377 32.02 -22.51 10.17
N LYS A 378 33.32 -22.36 10.00
CA LYS A 378 33.84 -21.99 8.69
C LYS A 378 33.90 -23.20 7.76
N THR A 379 34.27 -24.36 8.29
CA THR A 379 34.30 -25.57 7.46
C THR A 379 32.90 -25.99 7.05
N GLN A 380 31.94 -25.86 7.96
CA GLN A 380 30.56 -26.19 7.61
C GLN A 380 30.01 -25.19 6.59
N ILE A 381 30.41 -23.92 6.67
CA ILE A 381 30.00 -22.96 5.66
C ILE A 381 30.60 -23.32 4.30
N LEU A 382 31.85 -23.77 4.30
CA LEU A 382 32.45 -24.24 3.06
C LEU A 382 31.68 -25.42 2.47
N TYR A 383 31.31 -26.39 3.32
CA TYR A 383 30.55 -27.54 2.84
C TYR A 383 29.19 -27.13 2.30
N VAL A 384 28.53 -26.18 2.97
CA VAL A 384 27.23 -25.71 2.50
C VAL A 384 27.36 -25.03 1.15
N VAL A 385 28.40 -24.21 0.96
CA VAL A 385 28.59 -23.53 -0.31
C VAL A 385 28.89 -24.53 -1.42
N LEU A 386 29.75 -25.52 -1.14
CA LEU A 386 30.06 -26.53 -2.15
C LEU A 386 28.82 -27.34 -2.51
N TRP A 387 27.99 -27.68 -1.53
CA TRP A 387 26.77 -28.41 -1.83
C TRP A 387 25.80 -27.58 -2.64
N LEU A 388 25.70 -26.29 -2.35
CA LEU A 388 24.79 -25.45 -3.11
C LEU A 388 25.26 -25.28 -4.55
N LEU A 389 26.58 -25.21 -4.75
CA LEU A 389 27.11 -25.18 -6.12
C LEU A 389 26.79 -26.48 -6.85
N CYS A 390 26.99 -27.63 -6.19
CA CYS A 390 26.66 -28.91 -6.80
C CYS A 390 25.17 -29.01 -7.11
N VAL A 391 24.33 -28.43 -6.24
CA VAL A 391 22.89 -28.49 -6.46
C VAL A 391 22.50 -27.63 -7.65
N ALA A 392 23.10 -26.45 -7.78
CA ALA A 392 22.84 -25.62 -8.96
C ALA A 392 23.28 -26.33 -10.24
N PHE A 393 24.44 -27.00 -10.20
CA PHE A 393 24.91 -27.70 -11.38
C PHE A 393 24.00 -28.87 -11.74
N THR A 394 23.52 -29.59 -10.73
CA THR A 394 22.63 -30.72 -10.99
C THR A 394 21.28 -30.25 -11.50
N THR A 395 20.78 -29.13 -10.97
CA THR A 395 19.54 -28.54 -11.50
C THR A 395 19.71 -28.15 -12.96
N PHE A 396 20.85 -27.56 -13.31
CA PHE A 396 21.10 -27.22 -14.71
C PHE A 396 21.18 -28.47 -15.57
N LEU A 397 21.80 -29.53 -15.07
CA LEU A 397 21.87 -30.76 -15.86
C LEU A 397 20.49 -31.35 -16.09
N CYS A 398 19.64 -31.33 -15.06
CA CYS A 398 18.28 -31.84 -15.23
C CYS A 398 17.49 -30.98 -16.20
N LEU A 399 17.67 -29.66 -16.14
CA LEU A 399 16.98 -28.77 -17.08
C LEU A 399 17.43 -29.03 -18.52
N TYR A 400 18.73 -29.23 -18.73
CA TYR A 400 19.22 -29.55 -20.06
C TYR A 400 18.70 -30.90 -20.53
N GLY A 401 18.60 -31.87 -19.63
CA GLY A 401 18.04 -33.17 -20.02
C GLY A 401 16.58 -33.05 -20.41
N MET A 402 15.83 -32.21 -19.69
CA MET A 402 14.44 -31.98 -20.08
C MET A 402 14.34 -31.31 -21.43
N ILE A 403 15.20 -30.31 -21.68
CA ILE A 403 15.23 -29.64 -22.98
C ILE A 403 15.52 -30.64 -24.09
N TRP A 404 16.46 -31.55 -23.85
CA TRP A 404 16.83 -32.53 -24.86
C TRP A 404 15.70 -33.51 -25.10
N TYR A 405 15.08 -34.03 -24.04
CA TYR A 405 13.96 -34.95 -24.19
C TYR A 405 12.78 -34.27 -24.88
N ALA A 406 12.64 -32.96 -24.70
CA ALA A 406 11.56 -32.24 -25.37
C ALA A 406 11.85 -32.05 -26.85
N GLU A 407 13.03 -31.54 -27.18
CA GLU A 407 13.38 -31.26 -28.57
C GLU A 407 13.78 -32.50 -29.35
N HIS A 408 13.77 -33.68 -28.73
CA HIS A 408 13.99 -34.91 -29.46
C HIS A 408 12.84 -35.91 -29.37
N TYR A 409 12.16 -36.01 -28.23
CA TYR A 409 11.05 -36.93 -28.11
C TYR A 409 9.74 -36.19 -27.84
N LYS B 12 -23.74 -0.66 -22.52
CA LYS B 12 -22.36 -0.76 -22.07
C LYS B 12 -21.88 0.54 -21.46
N ASP B 13 -22.76 1.22 -20.73
CA ASP B 13 -22.37 2.44 -20.02
C ASP B 13 -21.37 2.16 -18.91
N ASP B 14 -21.24 0.91 -18.47
CA ASP B 14 -20.24 0.59 -17.45
C ASP B 14 -18.83 0.78 -17.99
N VAL B 15 -18.66 0.59 -19.30
CA VAL B 15 -17.38 0.91 -19.93
C VAL B 15 -17.06 2.38 -19.74
N ASN B 16 -18.02 3.26 -20.02
CA ASN B 16 -17.80 4.69 -19.86
C ASN B 16 -17.59 5.05 -18.38
N TYR B 17 -18.29 4.36 -17.48
CA TYR B 17 -18.14 4.62 -16.06
C TYR B 17 -16.72 4.30 -15.59
N LYS B 18 -16.22 3.11 -15.95
CA LYS B 18 -14.90 2.72 -15.49
C LYS B 18 -13.81 3.49 -16.21
N MET B 19 -14.05 3.92 -17.46
CA MET B 19 -13.05 4.75 -18.12
C MET B 19 -13.04 6.15 -17.52
N HIS B 20 -14.17 6.66 -17.05
CA HIS B 20 -14.16 7.96 -16.37
C HIS B 20 -13.50 7.83 -15.00
N PHE B 21 -13.69 6.70 -14.32
CA PHE B 21 -12.97 6.50 -13.07
C PHE B 21 -11.47 6.42 -13.31
N ARG B 22 -11.05 5.79 -14.40
CA ARG B 22 -9.62 5.73 -14.67
C ARG B 22 -9.10 7.08 -15.14
N MET B 23 -9.96 7.92 -15.72
CA MET B 23 -9.57 9.27 -16.07
C MET B 23 -9.32 10.11 -14.83
N ILE B 24 -10.15 9.95 -13.79
CA ILE B 24 -9.97 10.77 -12.59
C ILE B 24 -9.06 10.13 -11.55
N ASN B 25 -8.77 8.83 -11.68
CA ASN B 25 -8.01 8.09 -10.67
C ASN B 25 -6.60 7.75 -11.12
N GLU B 26 -6.41 7.32 -12.36
CA GLU B 26 -5.09 7.07 -12.92
C GLU B 26 -5.02 7.74 -14.28
N GLN B 27 -4.68 9.02 -14.29
CA GLN B 27 -4.59 9.75 -15.55
C GLN B 27 -3.39 9.26 -16.35
N GLN B 28 -3.54 9.25 -17.67
CA GLN B 28 -2.52 8.74 -18.58
C GLN B 28 -1.72 9.88 -19.17
N VAL B 29 -0.41 9.67 -19.31
CA VAL B 29 0.45 10.65 -19.96
C VAL B 29 0.18 10.63 -21.45
N GLU B 30 -0.10 11.79 -22.02
CA GLU B 30 -0.46 11.91 -23.43
C GLU B 30 0.68 12.54 -24.21
N ASP B 31 0.89 12.06 -25.43
CA ASP B 31 1.92 12.56 -26.33
C ASP B 31 3.30 12.43 -25.69
N ILE B 32 3.69 11.20 -25.44
CA ILE B 32 5.02 10.90 -24.90
C ILE B 32 6.03 10.99 -26.04
N THR B 33 7.02 11.86 -25.88
CA THR B 33 8.10 11.98 -26.86
C THR B 33 9.43 11.47 -26.35
N ILE B 34 9.78 11.78 -25.11
CA ILE B 34 10.99 11.24 -24.48
C ILE B 34 10.54 10.01 -23.70
N ASP B 35 10.70 8.83 -24.31
CA ASP B 35 10.07 7.62 -23.81
C ASP B 35 10.79 6.99 -22.63
N PHE B 36 12.01 7.43 -22.30
CA PHE B 36 12.70 6.76 -21.21
C PHE B 36 12.29 7.26 -19.84
N PHE B 37 11.46 8.30 -19.77
CA PHE B 37 10.88 8.70 -18.49
C PHE B 37 9.64 7.90 -18.14
N TYR B 38 9.16 7.05 -19.04
CA TYR B 38 7.88 6.39 -18.86
C TYR B 38 7.92 4.89 -19.13
N ARG B 39 9.05 4.33 -19.52
CA ARG B 39 9.17 2.90 -19.68
C ARG B 39 9.53 2.25 -18.36
N PRO B 40 8.78 1.25 -17.90
CA PRO B 40 9.09 0.65 -16.60
C PRO B 40 10.32 -0.24 -16.65
N HIS B 41 11.04 -0.26 -15.53
CA HIS B 41 12.26 -1.04 -15.35
C HIS B 41 12.24 -1.75 -14.00
N THR B 42 11.14 -2.47 -13.73
CA THR B 42 10.89 -2.96 -12.38
C THR B 42 11.84 -4.08 -11.97
N ILE B 43 12.51 -4.74 -12.92
CA ILE B 43 13.51 -5.73 -12.53
C ILE B 43 14.81 -5.05 -12.13
N THR B 44 15.05 -3.88 -12.74
CA THR B 44 16.22 -3.08 -12.39
C THR B 44 15.96 -2.58 -10.98
N LEU B 45 14.72 -2.18 -10.70
CA LEU B 45 14.34 -1.72 -9.37
C LEU B 45 14.42 -2.83 -8.35
N LEU B 46 14.09 -4.07 -8.75
CA LEU B 46 14.21 -5.20 -7.84
C LEU B 46 15.66 -5.47 -7.50
N SER B 47 16.54 -5.45 -8.50
CA SER B 47 17.97 -5.64 -8.25
C SER B 47 18.52 -4.53 -7.36
N PHE B 48 18.13 -3.29 -7.62
CA PHE B 48 18.56 -2.18 -6.77
C PHE B 48 18.09 -2.37 -5.33
N THR B 49 16.82 -2.73 -5.15
CA THR B 49 16.28 -2.97 -3.82
C THR B 49 17.10 -4.02 -3.09
N ILE B 50 17.30 -5.17 -3.72
CA ILE B 50 17.98 -6.28 -3.05
C ILE B 50 19.43 -5.94 -2.76
N VAL B 51 20.11 -5.25 -3.68
CA VAL B 51 21.52 -4.96 -3.47
C VAL B 51 21.71 -3.90 -2.41
N SER B 52 20.83 -2.89 -2.37
CA SER B 52 20.93 -1.87 -1.34
C SER B 52 20.64 -2.45 0.04
N LEU B 53 19.57 -3.22 0.16
CA LEU B 53 19.28 -3.86 1.44
C LEU B 53 20.35 -4.85 1.87
N MET B 54 20.98 -5.55 0.92
CA MET B 54 22.12 -6.42 1.21
C MET B 54 23.32 -5.66 1.72
N TYR B 55 23.66 -4.54 1.06
CA TYR B 55 24.77 -3.70 1.52
C TYR B 55 24.51 -3.16 2.91
N PHE B 56 23.27 -2.76 3.19
CA PHE B 56 22.97 -2.23 4.52
C PHE B 56 22.99 -3.33 5.58
N ALA B 57 22.43 -4.50 5.26
CA ALA B 57 22.41 -5.59 6.21
C ALA B 57 23.82 -6.06 6.57
N PHE B 58 24.71 -6.10 5.59
CA PHE B 58 26.01 -6.73 5.79
C PHE B 58 27.12 -5.76 6.17
N THR B 59 26.85 -4.47 6.23
CA THR B 59 27.89 -3.49 6.56
C THR B 59 27.54 -2.58 7.72
N ARG B 60 26.26 -2.34 7.98
CA ARG B 60 25.87 -1.40 9.02
C ARG B 60 26.26 -1.92 10.40
N ASP B 61 26.35 -1.01 11.36
CA ASP B 61 26.65 -1.33 12.74
C ASP B 61 25.36 -1.34 13.55
N ASP B 62 24.93 -2.54 13.97
CA ASP B 62 23.67 -2.71 14.68
C ASP B 62 23.87 -2.81 16.20
N SER B 63 24.84 -2.06 16.73
CA SER B 63 25.13 -2.15 18.17
C SER B 63 24.22 -1.24 18.98
N VAL B 64 23.89 -0.07 18.45
CA VAL B 64 23.03 0.89 19.14
C VAL B 64 21.58 0.52 18.87
N PRO B 65 20.79 0.14 19.89
CA PRO B 65 19.46 -0.40 19.64
C PRO B 65 18.40 0.63 19.29
N GLU B 66 18.60 1.92 19.58
CA GLU B 66 17.62 2.94 19.26
C GLU B 66 17.85 3.57 17.91
N ASP B 67 19.02 3.36 17.31
CA ASP B 67 19.28 3.76 15.93
C ASP B 67 18.77 2.72 14.94
N ASN B 68 18.78 1.44 15.34
CA ASN B 68 18.20 0.41 14.49
C ASN B 68 16.72 0.67 14.21
N ILE B 69 15.99 1.10 15.23
CA ILE B 69 14.56 1.35 15.06
C ILE B 69 14.33 2.54 14.13
N TRP B 70 15.12 3.60 14.30
CA TRP B 70 14.96 4.78 13.45
C TRP B 70 15.30 4.45 12.00
N ARG B 71 16.42 3.76 11.77
CA ARG B 71 16.80 3.40 10.41
C ARG B 71 15.79 2.44 9.79
N GLY B 72 15.27 1.50 10.59
CA GLY B 72 14.26 0.58 10.06
C GLY B 72 12.98 1.28 9.69
N ILE B 73 12.57 2.28 10.48
CA ILE B 73 11.39 3.07 10.16
C ILE B 73 11.60 3.84 8.85
N LEU B 74 12.76 4.48 8.73
CA LEU B 74 13.03 5.25 7.50
C LEU B 74 13.08 4.34 6.29
N SER B 75 13.62 3.13 6.44
CA SER B 75 13.71 2.22 5.30
C SER B 75 12.34 1.66 4.94
N VAL B 76 11.50 1.39 5.95
CA VAL B 76 10.14 0.96 5.65
C VAL B 76 9.40 2.04 4.90
N ILE B 77 9.61 3.31 5.27
CA ILE B 77 8.97 4.41 4.54
C ILE B 77 9.47 4.47 3.11
N PHE B 78 10.79 4.36 2.92
CA PHE B 78 11.36 4.43 1.58
C PHE B 78 10.83 3.32 0.68
N PHE B 79 10.84 2.08 1.17
CA PHE B 79 10.42 0.97 0.33
C PHE B 79 8.90 0.92 0.20
N PHE B 80 8.16 1.52 1.12
CA PHE B 80 6.74 1.70 0.88
C PHE B 80 6.49 2.72 -0.22
N LEU B 81 7.35 3.74 -0.33
CA LEU B 81 7.23 4.67 -1.44
C LEU B 81 7.58 3.98 -2.77
N ILE B 82 8.53 3.05 -2.73
CA ILE B 82 8.82 2.25 -3.93
C ILE B 82 7.60 1.41 -4.32
N ILE B 83 6.99 0.74 -3.34
CA ILE B 83 5.78 -0.03 -3.59
C ILE B 83 4.66 0.87 -4.11
N SER B 84 4.63 2.12 -3.63
CA SER B 84 3.64 3.07 -4.14
C SER B 84 3.87 3.36 -5.61
N VAL B 85 5.11 3.68 -5.99
CA VAL B 85 5.45 3.89 -7.39
C VAL B 85 5.03 2.69 -8.23
N LEU B 86 5.19 1.48 -7.69
CA LEU B 86 4.88 0.29 -8.47
C LEU B 86 3.38 0.05 -8.59
N ALA B 87 2.63 0.26 -7.51
CA ALA B 87 1.28 -0.28 -7.42
C ALA B 87 0.18 0.73 -7.11
N PHE B 88 0.50 1.91 -6.62
CA PHE B 88 -0.58 2.77 -6.13
C PHE B 88 -1.12 3.66 -7.24
N PRO B 89 -2.36 4.12 -7.11
CA PRO B 89 -2.94 4.96 -8.16
C PRO B 89 -2.25 6.31 -8.31
N ASN B 90 -2.49 6.94 -9.45
CA ASN B 90 -1.73 8.11 -9.85
C ASN B 90 -2.48 9.41 -9.54
N GLY B 91 -3.81 9.40 -9.67
CA GLY B 91 -4.59 10.59 -9.41
C GLY B 91 -4.97 11.31 -10.69
N PRO B 92 -5.52 12.52 -10.56
CA PRO B 92 -5.90 13.29 -11.76
C PRO B 92 -4.74 13.97 -12.45
N PHE B 93 -3.52 13.82 -11.93
CA PHE B 93 -2.36 14.58 -12.38
C PHE B 93 -1.33 13.65 -12.99
N THR B 94 -0.67 14.14 -14.04
CA THR B 94 0.44 13.44 -14.67
C THR B 94 1.67 14.32 -14.78
N ARG B 95 1.64 15.44 -14.07
CA ARG B 95 2.69 16.44 -14.16
C ARG B 95 3.28 16.70 -12.79
N PRO B 96 4.65 16.83 -12.52
CA PRO B 96 5.70 16.63 -13.52
C PRO B 96 5.95 15.17 -13.89
N HIS B 97 5.53 14.25 -13.02
CA HIS B 97 5.59 12.84 -13.31
C HIS B 97 4.56 12.12 -12.45
N PRO B 98 3.85 11.14 -13.00
CA PRO B 98 2.85 10.42 -12.21
C PRO B 98 3.41 9.68 -11.00
N ALA B 99 4.70 9.36 -11.01
CA ALA B 99 5.29 8.63 -9.90
C ALA B 99 5.35 9.49 -8.64
N LEU B 100 5.53 10.81 -8.80
CA LEU B 100 5.52 11.69 -7.65
C LEU B 100 4.17 11.68 -6.96
N TRP B 101 3.09 11.60 -7.75
CA TRP B 101 1.76 11.58 -7.16
C TRP B 101 1.42 10.20 -6.59
N ARG B 102 1.97 9.13 -7.16
CA ARG B 102 1.87 7.83 -6.52
C ARG B 102 2.55 7.83 -5.16
N MET B 103 3.70 8.51 -5.06
CA MET B 103 4.41 8.56 -3.78
C MET B 103 3.67 9.46 -2.78
N VAL B 104 3.05 10.53 -3.26
CA VAL B 104 2.22 11.35 -2.38
C VAL B 104 1.04 10.54 -1.85
N PHE B 105 0.43 9.72 -2.70
CA PHE B 105 -0.64 8.84 -2.24
C PHE B 105 -0.14 7.84 -1.20
N GLY B 106 1.07 7.30 -1.42
CA GLY B 106 1.62 6.37 -0.44
C GLY B 106 1.89 7.02 0.90
N LEU B 107 2.38 8.26 0.89
CA LEU B 107 2.56 9.00 2.13
C LEU B 107 1.23 9.25 2.83
N SER B 108 0.19 9.54 2.05
CA SER B 108 -1.13 9.74 2.64
C SER B 108 -1.65 8.46 3.29
N VAL B 109 -1.40 7.31 2.66
CA VAL B 109 -1.80 6.03 3.23
C VAL B 109 -1.04 5.78 4.53
N LEU B 110 0.26 6.09 4.55
CA LEU B 110 1.05 5.94 5.77
C LEU B 110 0.50 6.81 6.89
N TYR B 111 0.14 8.06 6.59
CA TYR B 111 -0.40 8.94 7.61
C TYR B 111 -1.75 8.44 8.12
N PHE B 112 -2.60 7.93 7.22
CA PHE B 112 -3.86 7.34 7.62
C PHE B 112 -3.66 6.17 8.58
N LEU B 113 -2.71 5.29 8.26
CA LEU B 113 -2.48 4.14 9.14
C LEU B 113 -1.85 4.56 10.46
N PHE B 114 -1.04 5.62 10.44
CA PHE B 114 -0.49 6.16 11.68
C PHE B 114 -1.61 6.68 12.58
N LEU B 115 -2.60 7.36 12.01
CA LEU B 115 -3.73 7.83 12.81
C LEU B 115 -4.56 6.67 13.34
N VAL B 116 -4.77 5.64 12.50
CA VAL B 116 -5.47 4.45 12.95
C VAL B 116 -4.78 3.85 14.18
N PHE B 117 -3.46 3.69 14.10
CA PHE B 117 -2.70 3.20 15.26
C PHE B 117 -2.81 4.12 16.46
N LEU B 118 -2.68 5.43 16.26
CA LEU B 118 -2.77 6.41 17.34
C LEU B 118 -4.09 6.34 18.07
N LEU B 119 -5.17 5.99 17.38
CA LEU B 119 -6.48 5.94 18.03
C LEU B 119 -6.60 4.87 19.09
N PHE B 120 -5.59 4.01 19.26
CA PHE B 120 -5.66 2.92 20.22
C PHE B 120 -4.76 3.08 21.43
N LEU B 121 -3.79 3.99 21.39
CA LEU B 121 -2.95 4.25 22.54
C LEU B 121 -3.67 5.17 23.52
N ASN B 122 -3.06 5.37 24.68
CA ASN B 122 -3.56 6.38 25.60
C ASN B 122 -2.70 7.64 25.48
N PHE B 123 -2.99 8.64 26.30
CA PHE B 123 -2.34 9.94 26.13
C PHE B 123 -0.87 9.86 26.51
N GLU B 124 -0.54 9.08 27.53
CA GLU B 124 0.86 8.96 27.94
C GLU B 124 1.68 8.23 26.87
N GLN B 125 1.08 7.24 26.21
CA GLN B 125 1.80 6.55 25.14
C GLN B 125 2.03 7.46 23.95
N VAL B 126 1.08 8.34 23.66
CA VAL B 126 1.25 9.28 22.55
C VAL B 126 2.30 10.32 22.89
N LYS B 127 2.31 10.79 24.15
CA LYS B 127 3.35 11.73 24.55
C LYS B 127 4.73 11.08 24.56
N SER B 128 4.81 9.80 24.91
CA SER B 128 6.10 9.11 24.86
C SER B 128 6.55 8.92 23.42
N LEU B 129 5.63 8.54 22.54
CA LEU B 129 5.92 8.44 21.11
C LEU B 129 6.35 9.77 20.52
N MET B 130 5.87 10.89 21.05
CA MET B 130 6.32 12.21 20.60
C MET B 130 7.67 12.59 21.17
N TYR B 131 7.90 12.40 22.47
CA TYR B 131 9.21 12.68 23.04
C TYR B 131 10.30 11.79 22.46
N TRP B 132 9.94 10.64 21.90
CA TRP B 132 10.93 9.83 21.19
C TRP B 132 11.37 10.52 19.90
N LEU B 133 10.44 11.18 19.21
CA LEU B 133 10.78 11.87 17.97
C LEU B 133 11.63 13.10 18.24
N ASP B 134 11.12 14.01 19.07
CA ASP B 134 11.85 15.23 19.43
C ASP B 134 11.91 15.30 20.95
N PRO B 135 13.04 14.91 21.55
CA PRO B 135 13.15 14.96 23.01
C PRO B 135 12.94 16.34 23.60
N ASN B 136 13.13 17.40 22.83
CA ASN B 136 12.95 18.75 23.35
C ASN B 136 11.49 19.10 23.59
N LEU B 137 10.55 18.29 23.10
CA LEU B 137 9.14 18.55 23.32
C LEU B 137 8.69 18.31 24.76
N ARG B 138 9.59 17.86 25.64
CA ARG B 138 9.21 17.63 27.03
C ARG B 138 8.99 18.93 27.77
N TYR B 139 9.75 19.97 27.41
CA TYR B 139 9.75 21.23 28.14
C TYR B 139 8.97 22.32 27.42
N ALA B 140 8.39 22.03 26.26
CA ALA B 140 7.54 23.01 25.58
C ALA B 140 6.23 23.17 26.33
N THR B 141 5.86 24.42 26.59
CA THR B 141 4.65 24.74 27.35
C THR B 141 3.77 25.66 26.52
N ARG B 142 2.47 25.63 26.83
CA ARG B 142 1.49 26.46 26.13
C ARG B 142 1.73 27.94 26.42
N ASN B 152 -0.11 43.15 23.27
CA ASN B 152 -0.74 44.44 23.58
C ASN B 152 -0.92 45.27 22.33
N CYS B 153 -2.18 45.51 21.94
CA CYS B 153 -2.49 46.41 20.84
C CYS B 153 -3.22 47.66 21.32
N HIS B 154 -2.92 48.12 22.52
CA HIS B 154 -3.31 49.45 22.98
C HIS B 154 -2.23 50.49 22.72
N VAL B 155 -1.04 50.04 22.31
CA VAL B 155 0.08 50.91 21.96
C VAL B 155 0.41 50.82 20.48
N ILE B 156 -0.63 50.90 19.64
CA ILE B 156 -0.52 50.64 18.20
C ILE B 156 0.72 51.28 17.58
N THR B 157 1.37 50.52 16.70
CA THR B 157 2.56 50.98 16.01
C THR B 157 2.62 50.32 14.63
N TRP B 158 2.99 51.11 13.63
CA TRP B 158 3.11 50.59 12.27
C TRP B 158 4.23 49.57 12.18
N GLU B 159 5.31 49.77 12.95
CA GLU B 159 6.42 48.83 12.93
C GLU B 159 5.99 47.46 13.45
N ARG B 160 5.29 47.44 14.59
CA ARG B 160 4.80 46.18 15.14
C ARG B 160 3.75 45.54 14.25
N ILE B 161 2.99 46.34 13.49
CA ILE B 161 2.02 45.78 12.56
C ILE B 161 2.71 45.11 11.38
N ILE B 162 3.72 45.78 10.81
CA ILE B 162 4.48 45.21 9.70
C ILE B 162 5.37 44.06 10.13
N SER B 163 5.73 43.98 11.41
CA SER B 163 6.58 42.90 11.88
C SER B 163 5.84 41.56 11.99
N HIS B 164 4.54 41.53 11.70
CA HIS B 164 3.75 40.32 11.75
C HIS B 164 3.99 39.39 10.57
N PHE B 165 4.51 39.91 9.46
CA PHE B 165 4.67 39.13 8.23
C PHE B 165 5.96 38.32 8.32
N ASP B 166 5.89 37.22 9.05
CA ASP B 166 7.00 36.29 9.18
C ASP B 166 6.95 35.28 8.04
N ILE B 167 7.75 34.22 8.15
CA ILE B 167 7.78 33.19 7.11
C ILE B 167 6.47 32.43 7.08
N PHE B 168 5.75 32.38 8.21
CA PHE B 168 4.50 31.64 8.25
C PHE B 168 3.37 32.41 7.59
N ALA B 169 3.38 33.74 7.68
CA ALA B 169 2.42 34.53 6.91
C ALA B 169 2.67 34.37 5.42
N PHE B 170 3.93 34.26 5.01
CA PHE B 170 4.29 33.95 3.63
C PHE B 170 3.69 32.60 3.22
N GLY B 171 3.91 31.58 4.04
CA GLY B 171 3.35 30.27 3.73
C GLY B 171 1.83 30.28 3.68
N HIS B 172 1.20 31.08 4.54
CA HIS B 172 -0.26 31.16 4.55
C HIS B 172 -0.78 31.85 3.30
N PHE B 173 -0.13 32.93 2.89
CA PHE B 173 -0.42 33.58 1.61
C PHE B 173 -0.38 32.57 0.47
N TRP B 174 0.68 31.76 0.42
CA TRP B 174 0.81 30.85 -0.71
C TRP B 174 -0.15 29.67 -0.61
N GLY B 175 -0.49 29.25 0.60
CA GLY B 175 -1.50 28.21 0.75
C GLY B 175 -2.86 28.67 0.28
N TRP B 176 -3.22 29.92 0.60
CA TRP B 176 -4.48 30.45 0.10
C TRP B 176 -4.43 30.69 -1.40
N ALA B 177 -3.25 31.02 -1.95
CA ALA B 177 -3.12 31.12 -3.39
C ALA B 177 -3.39 29.79 -4.07
N MET B 178 -2.83 28.70 -3.53
CA MET B 178 -3.09 27.38 -4.10
C MET B 178 -4.56 27.00 -3.96
N LYS B 179 -5.16 27.28 -2.80
CA LYS B 179 -6.57 26.97 -2.61
C LYS B 179 -7.45 27.72 -3.59
N ALA B 180 -7.20 29.01 -3.80
CA ALA B 180 -7.99 29.77 -4.74
C ALA B 180 -7.76 29.30 -6.16
N LEU B 181 -6.53 28.90 -6.49
CA LEU B 181 -6.26 28.35 -7.81
C LEU B 181 -7.08 27.10 -8.08
N LEU B 182 -7.19 26.21 -7.08
CA LEU B 182 -7.89 24.96 -7.29
C LEU B 182 -9.40 25.14 -7.25
N ILE B 183 -9.90 26.00 -6.36
CA ILE B 183 -11.33 26.10 -6.13
C ILE B 183 -12.02 26.93 -7.21
N ARG B 184 -11.39 28.01 -7.66
CA ARG B 184 -11.95 28.88 -8.69
C ARG B 184 -13.29 29.45 -8.24
N SER B 185 -13.26 30.17 -7.12
CA SER B 185 -14.45 30.82 -6.60
C SER B 185 -14.04 31.84 -5.55
N TYR B 186 -14.47 33.08 -5.71
CA TYR B 186 -14.27 34.08 -4.67
C TYR B 186 -15.19 33.82 -3.49
N GLY B 187 -16.40 33.33 -3.76
CA GLY B 187 -17.38 33.16 -2.71
C GLY B 187 -16.99 32.10 -1.70
N LEU B 188 -16.67 30.90 -2.19
CA LEU B 188 -16.29 29.81 -1.28
C LEU B 188 -15.04 30.17 -0.50
N CYS B 189 -14.04 30.71 -1.20
CA CYS B 189 -12.77 31.04 -0.55
C CYS B 189 -12.96 32.11 0.52
N TRP B 190 -13.70 33.17 0.20
CA TRP B 190 -13.90 34.24 1.19
C TRP B 190 -14.78 33.78 2.33
N THR B 191 -15.79 32.95 2.05
CA THR B 191 -16.62 32.40 3.11
C THR B 191 -15.78 31.60 4.10
N ILE B 192 -14.98 30.65 3.59
CA ILE B 192 -14.16 29.84 4.48
C ILE B 192 -13.14 30.70 5.21
N SER B 193 -12.55 31.66 4.51
CA SER B 193 -11.56 32.54 5.13
C SER B 193 -12.15 33.27 6.32
N ILE B 194 -13.27 33.97 6.12
CA ILE B 194 -13.85 34.78 7.19
C ILE B 194 -14.37 33.89 8.31
N THR B 195 -15.05 32.79 7.97
CA THR B 195 -15.60 31.94 9.03
C THR B 195 -14.50 31.32 9.87
N TRP B 196 -13.42 30.87 9.24
CA TRP B 196 -12.36 30.26 10.02
C TRP B 196 -11.60 31.29 10.84
N GLU B 197 -11.37 32.49 10.31
CA GLU B 197 -10.66 33.49 11.10
C GLU B 197 -11.49 33.91 12.31
N LEU B 198 -12.81 34.04 12.13
CA LEU B 198 -13.66 34.36 13.27
C LEU B 198 -13.70 33.22 14.27
N THR B 199 -13.74 31.97 13.79
CA THR B 199 -13.71 30.82 14.69
C THR B 199 -12.42 30.77 15.48
N GLU B 200 -11.29 31.06 14.83
CA GLU B 200 -10.01 31.04 15.51
C GLU B 200 -9.93 32.17 16.53
N LEU B 201 -10.47 33.34 16.21
CA LEU B 201 -10.52 34.42 17.20
C LEU B 201 -11.36 34.03 18.40
N PHE B 202 -12.50 33.37 18.16
CA PHE B 202 -13.34 32.90 19.26
C PHE B 202 -12.59 31.89 20.13
N PHE B 203 -11.91 30.93 19.50
CA PHE B 203 -11.18 29.94 20.27
C PHE B 203 -10.02 30.55 21.03
N MET B 204 -9.37 31.55 20.46
CA MET B 204 -8.28 32.22 21.18
C MET B 204 -8.81 33.11 22.29
N HIS B 205 -10.10 33.47 22.25
CA HIS B 205 -10.71 34.10 23.41
C HIS B 205 -11.03 33.05 24.48
N LEU B 206 -11.45 31.86 24.06
CA LEU B 206 -11.79 30.82 25.02
C LEU B 206 -10.54 30.23 25.68
N LEU B 207 -9.41 30.29 24.99
CA LEU B 207 -8.15 29.73 25.50
C LEU B 207 -7.15 30.87 25.68
N PRO B 208 -6.58 31.05 26.88
CA PRO B 208 -5.69 32.20 27.12
C PRO B 208 -4.41 32.19 26.30
N ASN B 209 -4.24 31.19 25.43
CA ASN B 209 -3.03 31.06 24.63
C ASN B 209 -2.80 32.25 23.70
N PHE B 210 -3.82 33.08 23.47
CA PHE B 210 -3.68 34.20 22.54
C PHE B 210 -2.60 35.16 23.02
N ALA B 211 -1.83 35.68 22.07
CA ALA B 211 -0.85 36.70 22.37
C ALA B 211 -0.76 37.82 21.35
N GLU B 212 -1.31 37.66 20.15
CA GLU B 212 -1.02 38.64 19.09
C GLU B 212 -1.92 39.87 19.19
N CYS B 213 -3.19 39.73 18.80
CA CYS B 213 -4.20 40.78 18.95
C CYS B 213 -5.53 40.39 18.32
N TRP B 214 -6.53 41.26 18.50
CA TRP B 214 -7.75 41.28 17.68
C TRP B 214 -7.41 41.64 16.24
N TRP B 215 -6.68 42.76 16.08
CA TRP B 215 -6.49 43.37 14.77
C TRP B 215 -5.76 42.42 13.82
N ASP B 216 -4.94 41.53 14.34
CA ASP B 216 -4.22 40.58 13.47
C ASP B 216 -5.23 39.74 12.72
N GLN B 217 -6.02 38.95 13.45
CA GLN B 217 -7.02 38.10 12.84
C GLN B 217 -8.11 38.88 12.10
N VAL B 218 -8.34 40.15 12.45
CA VAL B 218 -9.43 40.87 11.81
C VAL B 218 -8.97 41.49 10.49
N ILE B 219 -7.85 42.19 10.49
CA ILE B 219 -7.38 42.92 9.31
C ILE B 219 -6.20 42.23 8.65
N LEU B 220 -5.16 41.90 9.41
CA LEU B 220 -3.90 41.46 8.83
C LEU B 220 -3.92 39.99 8.43
N ASP B 221 -5.02 39.29 8.65
CA ASP B 221 -5.14 37.89 8.21
C ASP B 221 -6.27 37.70 7.21
N ILE B 222 -7.45 38.26 7.48
CA ILE B 222 -8.55 38.16 6.53
C ILE B 222 -8.25 38.99 5.29
N LEU B 223 -7.92 40.27 5.49
CA LEU B 223 -7.86 41.23 4.40
C LEU B 223 -6.56 41.14 3.61
N LEU B 224 -5.42 40.89 4.27
CA LEU B 224 -4.14 40.99 3.58
C LEU B 224 -3.60 39.64 3.12
N CYS B 225 -3.42 38.69 4.05
CA CYS B 225 -2.83 37.42 3.69
C CYS B 225 -3.82 36.54 2.93
N ASN B 226 -4.96 36.25 3.57
CA ASN B 226 -5.96 35.42 2.91
C ASN B 226 -6.54 36.10 1.68
N GLY B 227 -6.92 37.36 1.81
CA GLY B 227 -7.52 38.06 0.68
C GLY B 227 -6.56 38.21 -0.50
N GLY B 228 -5.32 38.59 -0.21
CA GLY B 228 -4.35 38.72 -1.28
C GLY B 228 -3.98 37.40 -1.92
N GLY B 229 -3.89 36.34 -1.11
CA GLY B 229 -3.63 35.03 -1.66
C GLY B 229 -4.76 34.55 -2.55
N ILE B 230 -6.00 34.81 -2.14
CA ILE B 230 -7.16 34.46 -2.96
C ILE B 230 -7.15 35.24 -4.27
N TRP B 231 -6.85 36.54 -4.19
CA TRP B 231 -6.77 37.36 -5.41
C TRP B 231 -5.72 36.80 -6.37
N LEU B 232 -4.53 36.51 -5.86
CA LEU B 232 -3.47 35.98 -6.71
C LEU B 232 -3.86 34.64 -7.31
N GLY B 233 -4.45 33.76 -6.51
CA GLY B 233 -4.87 32.47 -7.03
C GLY B 233 -5.92 32.58 -8.11
N MET B 234 -6.86 33.51 -7.94
CA MET B 234 -7.90 33.67 -8.95
C MET B 234 -7.34 34.27 -10.23
N VAL B 235 -6.39 35.20 -10.11
CA VAL B 235 -5.76 35.77 -11.31
C VAL B 235 -4.99 34.70 -12.06
N VAL B 236 -4.21 33.88 -11.34
CA VAL B 236 -3.46 32.83 -12.01
C VAL B 236 -4.39 31.78 -12.59
N CYS B 237 -5.53 31.55 -11.95
CA CYS B 237 -6.49 30.58 -12.48
C CYS B 237 -7.12 31.07 -13.77
N ARG B 238 -7.51 32.36 -13.81
CA ARG B 238 -8.05 32.89 -15.07
C ARG B 238 -7.01 32.87 -16.17
N PHE B 239 -5.75 33.17 -15.83
CA PHE B 239 -4.69 33.06 -16.82
C PHE B 239 -4.58 31.65 -17.36
N LEU B 240 -4.51 30.65 -16.47
CA LEU B 240 -4.35 29.27 -16.91
C LEU B 240 -5.56 28.78 -17.69
N GLU B 241 -6.72 29.39 -17.46
CA GLU B 241 -7.90 29.03 -18.24
C GLU B 241 -7.82 29.61 -19.65
N MET B 242 -7.45 30.87 -19.78
CA MET B 242 -7.51 31.54 -21.07
C MET B 242 -6.34 31.21 -21.99
N ARG B 243 -5.42 30.33 -21.59
CA ARG B 243 -4.22 30.12 -22.36
C ARG B 243 -4.29 28.84 -23.18
N THR B 244 -3.46 28.79 -24.23
CA THR B 244 -3.38 27.66 -25.14
C THR B 244 -2.16 26.82 -24.79
N TYR B 245 -2.36 25.51 -24.65
CA TYR B 245 -1.31 24.59 -24.21
C TYR B 245 -0.78 23.83 -25.42
N HIS B 246 0.25 24.38 -26.05
CA HIS B 246 0.97 23.72 -27.14
C HIS B 246 2.34 23.32 -26.62
N TRP B 247 2.50 22.03 -26.33
CA TRP B 247 3.72 21.51 -25.76
C TRP B 247 4.57 20.90 -26.86
N ALA B 248 5.71 21.52 -27.14
CA ALA B 248 6.69 20.96 -28.05
C ALA B 248 7.63 20.03 -27.28
N SER B 249 8.17 19.05 -27.99
CA SER B 249 9.06 18.09 -27.34
C SER B 249 10.40 18.73 -27.01
N PHE B 250 11.00 18.26 -25.92
CA PHE B 250 12.32 18.75 -25.54
C PHE B 250 13.36 18.41 -26.60
N LYS B 251 13.15 17.30 -27.32
CA LYS B 251 14.06 16.94 -28.40
C LYS B 251 13.96 17.92 -29.57
N ASP B 252 12.76 18.42 -29.84
CA ASP B 252 12.54 19.24 -31.03
C ASP B 252 13.00 20.68 -30.83
N ILE B 253 13.13 21.13 -29.58
CA ILE B 253 13.64 22.48 -29.34
C ILE B 253 15.10 22.54 -29.75
N HIS B 254 15.46 23.58 -30.49
CA HIS B 254 16.83 23.72 -30.99
C HIS B 254 17.64 24.79 -30.28
N THR B 255 16.99 25.72 -29.59
CA THR B 255 17.70 26.70 -28.78
C THR B 255 17.88 26.14 -27.37
N THR B 256 18.92 26.64 -26.69
CA THR B 256 19.11 26.25 -25.29
C THR B 256 18.08 26.92 -24.39
N THR B 257 17.70 28.16 -24.71
CA THR B 257 16.70 28.86 -23.92
C THR B 257 15.37 28.13 -23.96
N GLY B 258 14.96 27.68 -25.14
CA GLY B 258 13.72 26.93 -25.25
C GLY B 258 13.78 25.60 -24.51
N LYS B 259 14.94 24.95 -24.51
CA LYS B 259 15.08 23.71 -23.77
C LYS B 259 14.93 23.95 -22.27
N ILE B 260 15.56 25.00 -21.76
CA ILE B 260 15.45 25.29 -20.32
C ILE B 260 14.02 25.67 -19.98
N LYS B 261 13.37 26.43 -20.86
CA LYS B 261 11.98 26.82 -20.61
C LYS B 261 11.06 25.61 -20.60
N ARG B 262 11.25 24.68 -21.54
CA ARG B 262 10.43 23.46 -21.54
C ARG B 262 10.69 22.62 -20.31
N ALA B 263 11.95 22.50 -19.90
CA ALA B 263 12.27 21.69 -18.73
C ALA B 263 11.70 22.29 -17.45
N VAL B 264 11.61 23.63 -17.39
CA VAL B 264 11.05 24.24 -16.19
C VAL B 264 9.53 24.27 -16.25
N LEU B 265 8.94 24.30 -17.44
CA LEU B 265 7.49 24.22 -17.57
C LEU B 265 6.96 22.80 -17.46
N GLN B 266 7.84 21.80 -17.47
CA GLN B 266 7.41 20.45 -17.12
C GLN B 266 6.90 20.38 -15.69
N PHE B 267 7.13 21.39 -14.88
CA PHE B 267 6.63 21.44 -13.51
C PHE B 267 5.41 22.34 -13.37
N THR B 268 4.66 22.53 -14.45
CA THR B 268 3.42 23.30 -14.49
C THR B 268 2.35 22.46 -15.15
N PRO B 269 1.07 22.80 -14.97
CA PRO B 269 0.01 21.95 -15.53
C PRO B 269 0.06 21.88 -17.04
N ALA B 270 -0.18 20.68 -17.57
CA ALA B 270 -0.23 20.49 -19.01
C ALA B 270 -1.52 21.02 -19.62
N SER B 271 -2.61 20.95 -18.86
CA SER B 271 -3.89 21.50 -19.28
C SER B 271 -4.60 21.98 -18.02
N TRP B 272 -5.69 22.72 -18.22
CA TRP B 272 -6.45 23.27 -17.11
C TRP B 272 -7.92 22.93 -17.27
N THR B 273 -8.55 22.53 -16.17
CA THR B 273 -9.97 22.23 -16.14
C THR B 273 -10.76 23.50 -15.87
N TYR B 274 -11.87 23.68 -16.57
CA TYR B 274 -12.78 24.77 -16.30
C TYR B 274 -13.70 24.37 -15.15
N VAL B 275 -13.65 25.11 -14.05
CA VAL B 275 -14.31 24.74 -12.81
C VAL B 275 -15.47 25.69 -12.56
N ARG B 276 -16.68 25.14 -12.52
CA ARG B 276 -17.88 25.86 -12.10
C ARG B 276 -18.62 24.97 -11.13
N TRP B 277 -18.79 25.43 -9.90
CA TRP B 277 -19.39 24.58 -8.87
C TRP B 277 -20.91 24.61 -8.97
N PHE B 278 -21.51 25.78 -9.19
CA PHE B 278 -22.95 25.93 -9.25
C PHE B 278 -23.37 26.20 -10.69
N ASP B 279 -24.22 25.35 -11.23
CA ASP B 279 -24.87 25.62 -12.49
C ASP B 279 -26.10 26.51 -12.25
N PRO B 280 -26.63 27.14 -13.31
CA PRO B 280 -27.83 27.97 -13.12
C PRO B 280 -29.00 27.20 -12.54
N LYS B 281 -29.31 26.02 -13.07
CA LYS B 281 -30.36 25.17 -12.54
C LYS B 281 -29.67 23.96 -11.93
N SER B 282 -29.29 24.07 -10.67
CA SER B 282 -28.56 23.03 -9.96
C SER B 282 -29.52 22.15 -9.19
N SER B 283 -29.08 20.91 -8.94
CA SER B 283 -29.90 19.94 -8.22
C SER B 283 -29.81 20.20 -6.73
N PHE B 284 -30.35 19.28 -5.93
CA PHE B 284 -30.11 19.31 -4.49
C PHE B 284 -28.86 18.56 -4.07
N GLN B 285 -28.52 17.44 -4.72
CA GLN B 285 -27.27 16.76 -4.39
C GLN B 285 -26.07 17.62 -4.74
N ARG B 286 -26.20 18.50 -5.73
CA ARG B 286 -25.11 19.40 -6.08
C ARG B 286 -24.81 20.38 -4.93
N VAL B 287 -25.84 21.08 -4.46
CA VAL B 287 -25.66 22.03 -3.38
C VAL B 287 -25.25 21.32 -2.10
N ALA B 288 -25.77 20.10 -1.89
CA ALA B 288 -25.39 19.34 -0.71
C ALA B 288 -23.93 18.90 -0.77
N GLY B 289 -23.44 18.55 -1.95
CA GLY B 289 -22.04 18.20 -2.09
C GLY B 289 -21.12 19.38 -1.92
N VAL B 290 -21.54 20.55 -2.39
CA VAL B 290 -20.75 21.76 -2.16
C VAL B 290 -20.72 22.11 -0.67
N TYR B 291 -21.86 21.96 0.01
CA TYR B 291 -21.90 22.21 1.44
C TYR B 291 -21.02 21.23 2.21
N LEU B 292 -21.02 19.97 1.82
CA LEU B 292 -20.13 19.01 2.47
C LEU B 292 -18.67 19.34 2.18
N PHE B 293 -18.36 19.83 0.98
CA PHE B 293 -17.01 20.28 0.68
C PHE B 293 -16.57 21.39 1.64
N MET B 294 -17.43 22.39 1.81
CA MET B 294 -17.09 23.49 2.72
C MET B 294 -16.98 23.03 4.16
N ILE B 295 -17.80 22.05 4.56
CA ILE B 295 -17.76 21.57 5.93
C ILE B 295 -16.49 20.78 6.19
N ILE B 296 -16.06 19.95 5.24
CA ILE B 296 -14.79 19.23 5.42
C ILE B 296 -13.62 20.21 5.39
N TRP B 297 -13.74 21.28 4.62
CA TRP B 297 -12.72 22.33 4.64
C TRP B 297 -12.58 22.95 6.03
N GLN B 298 -13.71 23.34 6.62
CA GLN B 298 -13.71 23.87 7.99
C GLN B 298 -13.14 22.85 8.97
N LEU B 299 -13.47 21.58 8.78
CA LEU B 299 -12.99 20.54 9.69
C LEU B 299 -11.47 20.38 9.61
N THR B 300 -10.92 20.43 8.40
CA THR B 300 -9.47 20.33 8.27
C THR B 300 -8.79 21.57 8.83
N GLU B 301 -9.48 22.71 8.82
CA GLU B 301 -8.91 23.88 9.48
C GLU B 301 -8.94 23.74 10.99
N LEU B 302 -9.96 23.07 11.52
CA LEU B 302 -10.04 22.84 12.95
C LEU B 302 -9.00 21.82 13.42
N ASN B 303 -8.70 20.83 12.59
CA ASN B 303 -7.73 19.81 12.97
C ASN B 303 -6.37 20.41 13.27
N THR B 304 -5.94 21.39 12.48
CA THR B 304 -4.64 22.01 12.71
C THR B 304 -4.59 22.70 14.07
N PHE B 305 -5.56 23.58 14.32
CA PHE B 305 -5.66 24.28 15.60
C PHE B 305 -5.63 23.30 16.77
N PHE B 306 -6.45 22.25 16.70
CA PHE B 306 -6.59 21.39 17.86
C PHE B 306 -5.44 20.40 18.01
N LEU B 307 -4.83 19.94 16.93
CA LEU B 307 -3.61 19.15 17.07
C LEU B 307 -2.50 19.98 17.68
N LYS B 308 -2.42 21.26 17.29
CA LYS B 308 -1.39 22.13 17.86
C LYS B 308 -1.62 22.36 19.34
N HIS B 309 -2.88 22.46 19.76
CA HIS B 309 -3.14 22.79 21.15
C HIS B 309 -3.21 21.56 22.06
N ILE B 310 -3.58 20.40 21.53
CA ILE B 310 -3.65 19.20 22.35
C ILE B 310 -2.25 18.70 22.69
N PHE B 311 -1.49 18.35 21.67
CA PHE B 311 -0.08 17.99 21.83
C PHE B 311 0.73 19.26 21.66
N VAL B 312 1.28 19.77 22.76
CA VAL B 312 1.83 21.11 22.75
C VAL B 312 3.10 21.15 21.92
N PHE B 313 3.01 21.68 20.71
CA PHE B 313 4.19 21.99 19.91
C PHE B 313 3.96 23.30 19.19
N GLN B 314 5.05 24.01 18.92
CA GLN B 314 4.97 25.33 18.31
C GLN B 314 4.75 25.20 16.80
N ALA B 315 4.50 26.34 16.16
CA ALA B 315 4.31 26.36 14.73
C ALA B 315 5.63 26.14 13.98
N SER B 316 6.76 26.43 14.61
CA SER B 316 8.05 26.24 13.97
C SER B 316 8.56 24.82 14.05
N HIS B 317 7.86 23.93 14.74
CA HIS B 317 8.32 22.56 14.88
C HIS B 317 8.04 21.79 13.60
N PRO B 318 8.92 20.86 13.20
CA PRO B 318 8.68 20.12 11.96
C PRO B 318 7.36 19.37 11.93
N LEU B 319 6.79 19.04 13.08
CA LEU B 319 5.47 18.41 13.08
C LEU B 319 4.43 19.35 12.49
N SER B 320 4.37 20.58 12.99
CA SER B 320 3.36 21.54 12.55
C SER B 320 3.47 21.78 11.05
N TRP B 321 4.58 22.37 10.61
CA TRP B 321 4.67 22.78 9.22
C TRP B 321 4.84 21.59 8.29
N GLY B 322 5.36 20.46 8.79
CA GLY B 322 5.43 19.27 7.96
C GLY B 322 4.07 18.71 7.64
N ARG B 323 3.20 18.60 8.66
CA ARG B 323 1.85 18.14 8.41
C ARG B 323 1.08 19.15 7.56
N ILE B 324 1.29 20.44 7.81
CA ILE B 324 0.59 21.46 7.03
C ILE B 324 1.06 21.49 5.58
N LEU B 325 2.32 21.15 5.32
CA LEU B 325 2.84 21.08 3.96
C LEU B 325 2.43 19.81 3.25
N PHE B 326 2.23 18.72 3.98
CA PHE B 326 1.74 17.48 3.39
C PHE B 326 0.24 17.52 3.10
N ILE B 327 -0.54 18.17 3.98
CA ILE B 327 -1.97 18.26 3.75
C ILE B 327 -2.28 19.07 2.49
N GLY B 328 -1.52 20.12 2.21
CA GLY B 328 -1.73 20.85 0.97
C GLY B 328 -1.32 20.04 -0.26
N GLY B 329 -0.22 19.30 -0.15
CA GLY B 329 0.18 18.43 -1.24
C GLY B 329 -0.88 17.41 -1.60
N ILE B 330 -1.54 16.83 -0.60
CA ILE B 330 -2.63 15.90 -0.91
C ILE B 330 -3.95 16.62 -1.12
N THR B 331 -4.04 17.92 -0.81
CA THR B 331 -5.22 18.69 -1.11
C THR B 331 -5.33 19.02 -2.59
N ALA B 332 -4.18 19.22 -3.24
CA ALA B 332 -4.20 19.53 -4.67
C ALA B 332 -4.96 18.50 -5.51
N PRO B 333 -4.71 17.17 -5.42
CA PRO B 333 -5.48 16.23 -6.24
C PRO B 333 -6.89 15.98 -5.74
N THR B 334 -7.07 16.12 -4.41
CA THR B 334 -8.36 15.84 -3.80
C THR B 334 -9.44 16.79 -4.30
N VAL B 335 -9.10 18.07 -4.49
CA VAL B 335 -10.08 19.02 -4.98
C VAL B 335 -10.52 18.68 -6.39
N ARG B 336 -9.58 18.29 -7.25
CA ARG B 336 -9.92 17.91 -8.62
C ARG B 336 -10.79 16.67 -8.65
N GLN B 337 -10.45 15.66 -7.84
CA GLN B 337 -11.23 14.44 -7.84
C GLN B 337 -12.62 14.66 -7.25
N TYR B 338 -12.73 15.50 -6.23
CA TYR B 338 -14.04 15.81 -5.66
C TYR B 338 -14.90 16.57 -6.66
N TYR B 339 -14.30 17.55 -7.35
CA TYR B 339 -15.06 18.29 -8.36
C TYR B 339 -15.54 17.37 -9.47
N ALA B 340 -14.68 16.44 -9.89
CA ALA B 340 -15.10 15.49 -10.92
C ALA B 340 -16.24 14.61 -10.46
N TYR B 341 -16.12 14.00 -9.28
CA TYR B 341 -17.18 13.15 -8.79
C TYR B 341 -18.48 13.92 -8.60
N LEU B 342 -18.38 15.17 -8.13
CA LEU B 342 -19.59 15.95 -7.90
C LEU B 342 -20.28 16.32 -9.21
N THR B 343 -19.54 16.88 -10.16
CA THR B 343 -20.13 17.47 -11.35
C THR B 343 -20.26 16.50 -12.52
N ASP B 344 -19.27 15.63 -12.73
CA ASP B 344 -19.27 14.73 -13.87
C ASP B 344 -20.29 13.62 -13.65
N THR B 345 -21.28 13.53 -14.53
CA THR B 345 -22.36 12.56 -14.36
C THR B 345 -21.89 11.13 -14.57
N GLN B 346 -20.75 10.92 -15.24
CA GLN B 346 -20.28 9.59 -15.58
C GLN B 346 -19.18 9.10 -14.66
N CYS B 347 -18.80 9.87 -13.64
CA CYS B 347 -17.76 9.47 -12.70
C CYS B 347 -18.41 8.79 -11.51
N LYS B 348 -18.78 7.53 -11.70
CA LYS B 348 -19.59 6.79 -10.74
C LYS B 348 -18.80 6.28 -9.54
N ARG B 349 -17.60 6.79 -9.30
CA ARG B 349 -16.81 6.34 -8.15
C ARG B 349 -15.91 7.46 -7.66
N VAL B 350 -15.72 7.53 -6.35
CA VAL B 350 -14.87 8.54 -5.75
C VAL B 350 -13.40 8.14 -5.92
N GLY B 351 -12.57 9.10 -6.30
CA GLY B 351 -11.15 8.83 -6.39
C GLY B 351 -10.56 8.38 -5.07
N THR B 352 -9.47 7.64 -5.14
CA THR B 352 -8.91 7.04 -3.93
C THR B 352 -8.17 8.07 -3.09
N GLN B 353 -7.57 9.07 -3.73
CA GLN B 353 -6.92 10.12 -2.96
C GLN B 353 -7.93 10.96 -2.21
N CYS B 354 -9.09 11.21 -2.81
CA CYS B 354 -10.15 11.92 -2.10
C CYS B 354 -10.67 11.09 -0.93
N TRP B 355 -10.77 9.77 -1.12
CA TRP B 355 -11.17 8.86 -0.05
C TRP B 355 -10.19 8.94 1.12
N VAL B 356 -8.90 8.88 0.82
CA VAL B 356 -7.88 8.93 1.88
C VAL B 356 -7.85 10.30 2.55
N PHE B 357 -8.04 11.37 1.78
CA PHE B 357 -8.11 12.69 2.38
C PHE B 357 -9.28 12.80 3.35
N GLY B 358 -10.44 12.28 2.96
CA GLY B 358 -11.59 12.32 3.85
C GLY B 358 -11.38 11.51 5.11
N VAL B 359 -10.81 10.31 4.97
CA VAL B 359 -10.58 9.49 6.15
C VAL B 359 -9.52 10.11 7.05
N ILE B 360 -8.55 10.81 6.48
CA ILE B 360 -7.53 11.47 7.29
C ILE B 360 -8.14 12.64 8.05
N GLY B 361 -8.99 13.42 7.39
CA GLY B 361 -9.65 14.52 8.08
C GLY B 361 -10.51 14.04 9.25
N PHE B 362 -11.33 13.01 9.00
CA PHE B 362 -12.19 12.53 10.08
C PHE B 362 -11.41 11.82 11.18
N LEU B 363 -10.31 11.13 10.83
CA LEU B 363 -9.51 10.48 11.85
C LEU B 363 -8.75 11.49 12.69
N GLU B 364 -8.30 12.60 12.09
CA GLU B 364 -7.69 13.65 12.89
C GLU B 364 -8.71 14.30 13.81
N ALA B 365 -9.96 14.44 13.34
CA ALA B 365 -11.00 14.94 14.23
C ALA B 365 -11.22 14.00 15.41
N ILE B 366 -11.28 12.68 15.14
CA ILE B 366 -11.49 11.71 16.22
C ILE B 366 -10.31 11.72 17.18
N VAL B 367 -9.09 11.86 16.67
CA VAL B 367 -7.92 11.92 17.52
C VAL B 367 -7.97 13.16 18.41
N CYS B 368 -8.38 14.29 17.86
CA CYS B 368 -8.47 15.51 18.67
C CYS B 368 -9.55 15.39 19.73
N ILE B 369 -10.62 14.67 19.43
CA ILE B 369 -11.68 14.50 20.43
C ILE B 369 -11.24 13.54 21.52
N LYS B 370 -10.51 12.49 21.16
CA LYS B 370 -10.14 11.46 22.13
C LYS B 370 -9.13 11.98 23.14
N PHE B 371 -8.07 12.64 22.67
CA PHE B 371 -7.02 13.17 23.53
C PHE B 371 -7.26 14.61 23.91
N GLY B 372 -8.39 15.19 23.54
CA GLY B 372 -8.68 16.57 23.84
C GLY B 372 -9.67 16.75 24.98
N GLN B 373 -9.83 15.71 25.80
CA GLN B 373 -10.75 15.79 26.93
C GLN B 373 -10.23 16.68 28.04
N ASP B 374 -9.05 17.28 27.88
CA ASP B 374 -8.47 18.15 28.88
C ASP B 374 -8.54 19.63 28.52
N LEU B 375 -8.68 19.95 27.23
CA LEU B 375 -8.61 21.34 26.80
C LEU B 375 -9.72 22.19 27.43
N PHE B 376 -10.96 21.72 27.34
CA PHE B 376 -12.10 22.52 27.75
C PHE B 376 -12.77 21.92 28.99
N SER B 377 -13.50 22.76 29.70
CA SER B 377 -14.44 22.35 30.74
C SER B 377 -15.74 21.95 30.06
N LYS B 378 -16.80 21.78 30.86
CA LYS B 378 -18.10 21.44 30.26
C LYS B 378 -18.77 22.67 29.66
N THR B 379 -18.66 23.82 30.33
CA THR B 379 -19.25 25.04 29.78
C THR B 379 -18.52 25.48 28.52
N GLN B 380 -17.19 25.35 28.50
CA GLN B 380 -16.45 25.70 27.30
C GLN B 380 -16.77 24.73 26.16
N ILE B 381 -17.01 23.46 26.47
CA ILE B 381 -17.43 22.52 25.43
C ILE B 381 -18.80 22.90 24.89
N LEU B 382 -19.70 23.35 25.77
CA LEU B 382 -20.99 23.85 25.31
C LEU B 382 -20.83 25.04 24.37
N TYR B 383 -19.96 25.99 24.74
CA TYR B 383 -19.75 27.16 23.90
C TYR B 383 -19.14 26.77 22.55
N VAL B 384 -18.21 25.82 22.56
CA VAL B 384 -17.60 25.36 21.30
C VAL B 384 -18.65 24.72 20.41
N VAL B 385 -19.53 23.90 20.98
CA VAL B 385 -20.56 23.25 20.17
C VAL B 385 -21.54 24.27 19.61
N LEU B 386 -21.95 25.24 20.43
CA LEU B 386 -22.86 26.27 19.94
C LEU B 386 -22.22 27.09 18.84
N TRP B 387 -20.94 27.42 18.99
CA TRP B 387 -20.27 28.18 17.94
C TRP B 387 -20.13 27.37 16.66
N LEU B 388 -19.87 26.07 16.77
CA LEU B 388 -19.76 25.26 15.57
C LEU B 388 -21.10 25.11 14.87
N LEU B 389 -22.19 25.04 15.63
CA LEU B 389 -23.51 25.05 15.01
C LEU B 389 -23.78 26.36 14.30
N CYS B 390 -23.45 27.48 14.94
CA CYS B 390 -23.64 28.79 14.29
C CYS B 390 -22.77 28.91 13.05
N VAL B 391 -21.58 28.32 13.07
CA VAL B 391 -20.69 28.40 11.92
C VAL B 391 -21.25 27.57 10.76
N ALA B 392 -21.78 26.39 11.06
CA ALA B 392 -22.42 25.59 10.01
C ALA B 392 -23.62 26.32 9.42
N PHE B 393 -24.41 26.97 10.27
CA PHE B 393 -25.57 27.70 9.76
C PHE B 393 -25.16 28.89 8.91
N THR B 394 -24.10 29.59 9.31
CA THR B 394 -23.63 30.73 8.53
C THR B 394 -23.01 30.29 7.21
N THR B 395 -22.30 29.17 7.21
CA THR B 395 -21.79 28.61 5.97
C THR B 395 -22.92 28.24 5.02
N PHE B 396 -23.99 27.65 5.55
CA PHE B 396 -25.14 27.34 4.72
C PHE B 396 -25.79 28.60 4.17
N LEU B 397 -25.90 29.65 4.99
CA LEU B 397 -26.47 30.90 4.50
C LEU B 397 -25.63 31.50 3.39
N CYS B 398 -24.31 31.47 3.54
CA CYS B 398 -23.44 32.00 2.49
C CYS B 398 -23.56 31.17 1.21
N LEU B 399 -23.66 29.84 1.35
CA LEU B 399 -23.83 28.99 0.18
C LEU B 399 -25.14 29.28 -0.53
N TYR B 400 -26.22 29.47 0.23
CA TYR B 400 -27.49 29.81 -0.38
C TYR B 400 -27.44 31.18 -1.06
N GLY B 401 -26.74 32.14 -0.44
CA GLY B 401 -26.58 33.43 -1.08
C GLY B 401 -25.81 33.35 -2.38
N MET B 402 -24.78 32.50 -2.42
CA MET B 402 -24.05 32.29 -3.66
C MET B 402 -24.93 31.64 -4.72
N ILE B 403 -25.72 30.65 -4.33
CA ILE B 403 -26.65 30.01 -5.25
C ILE B 403 -27.62 31.03 -5.83
N TRP B 404 -28.13 31.93 -4.98
CA TRP B 404 -29.09 32.93 -5.42
C TRP B 404 -28.44 33.93 -6.37
N TYR B 405 -27.25 34.42 -6.01
CA TYR B 405 -26.54 35.35 -6.88
C TYR B 405 -26.18 34.71 -8.21
N ALA B 406 -25.96 33.39 -8.21
CA ALA B 406 -25.65 32.71 -9.46
C ALA B 406 -26.90 32.55 -10.32
N GLU B 407 -27.98 32.03 -9.75
CA GLU B 407 -29.19 31.77 -10.52
C GLU B 407 -30.02 33.03 -10.77
N HIS B 408 -29.57 34.19 -10.31
CA HIS B 408 -30.22 35.45 -10.64
C HIS B 408 -29.33 36.44 -11.36
N TYR B 409 -28.05 36.53 -11.01
CA TYR B 409 -27.15 37.46 -11.68
C TYR B 409 -26.03 36.72 -12.41
#